data_9BWK
#
_entry.id   9BWK
#
_cell.length_a   130.477
_cell.length_b   130.477
_cell.length_c   122.083
_cell.angle_alpha   90.000
_cell.angle_beta   90.000
_cell.angle_gamma   90.000
#
_symmetry.space_group_name_H-M   'P 43 21 2'
#
loop_
_entity.id
_entity.type
_entity.pdbx_description
1 polymer 'Acetyl-CoA acetyltransferase'
2 water water
#
_entity_poly.entity_id   1
_entity_poly.type   'polypeptide(L)'
_entity_poly.pdbx_seq_one_letter_code
;GHMSNAAKEVVVVSGVRTAIGDFGGSLKDFSPTDLGAKVVSEVLSRANVSGDAVGHVVFGHVVNTEPKDMYLARVAAING
GVAQHTPALTVNRLCGSGLQAIVSAAQTIMLGDADVAIGGGSENMSRAPYTVPSARFGQRMGDAKLVDMMLGALHDPFQT
IHMGVTAENVARKYGITRDAQDALALESHRRAARAIAEGRFKDQILPISIRTKKGEVAFDTDEHVRHDAGPDDFTKLKPV
FVKEDGTVTAGNASGINDAAAAVLMMSADAARAQGVKPLARLVAYAHAGVDPAYMGIGPVPATQKALERAGLKITDLDVI
EANEAFAAQACAVTQELGLDPAKVNPNGSGISLGHPIGATGALITVKALYELKRIGGRYALVTMCIGGGQGIAAIFENI
;
_entity_poly.pdbx_strand_id   A,B
#
# COMPACT_ATOMS: atom_id res chain seq x y z
N ALA A 6 15.46 -11.21 -20.20
CA ALA A 6 15.71 -9.93 -19.55
C ALA A 6 14.39 -9.21 -19.23
N ALA A 7 14.49 -8.03 -18.59
CA ALA A 7 13.31 -7.25 -18.23
C ALA A 7 12.74 -6.51 -19.43
N LYS A 8 11.43 -6.42 -19.49
CA LYS A 8 10.77 -5.76 -20.62
C LYS A 8 10.83 -4.24 -20.46
N GLU A 9 11.00 -3.54 -21.56
CA GLU A 9 11.04 -2.08 -21.55
C GLU A 9 9.65 -1.51 -21.30
N VAL A 10 9.59 -0.45 -20.53
CA VAL A 10 8.37 0.20 -20.07
C VAL A 10 8.27 1.55 -20.74
N VAL A 11 7.18 1.75 -21.48
CA VAL A 11 6.88 2.99 -22.16
C VAL A 11 5.76 3.70 -21.42
N VAL A 12 5.98 4.97 -21.11
CA VAL A 12 4.95 5.82 -20.49
C VAL A 12 4.18 6.47 -21.64
N VAL A 13 2.97 6.02 -21.96
CA VAL A 13 2.39 6.61 -23.17
C VAL A 13 1.62 7.90 -22.86
N SER A 14 0.93 7.98 -21.73
CA SER A 14 0.09 9.15 -21.41
C SER A 14 0.26 9.57 -19.95
N GLY A 15 -0.10 10.79 -19.59
CA GLY A 15 -0.07 11.26 -18.21
C GLY A 15 -0.97 12.44 -18.02
N VAL A 16 -1.47 12.59 -16.80
CA VAL A 16 -2.32 13.73 -16.49
C VAL A 16 -2.30 13.96 -14.98
N ARG A 17 -2.62 15.20 -14.59
CA ARG A 17 -2.81 15.57 -13.19
C ARG A 17 -3.96 16.54 -13.12
N THR A 18 -4.56 16.63 -11.94
CA THR A 18 -5.41 17.77 -11.64
C THR A 18 -4.52 18.97 -11.32
N ALA A 19 -5.10 20.18 -11.37
CA ALA A 19 -4.47 21.25 -10.66
C ALA A 19 -4.45 20.87 -9.19
N ILE A 20 -3.65 21.58 -8.43
CA ILE A 20 -3.42 21.25 -7.01
C ILE A 20 -4.20 22.26 -6.17
N GLY A 21 -5.07 21.74 -5.28
CA GLY A 21 -5.89 22.59 -4.44
C GLY A 21 -5.25 22.85 -3.07
N ASP A 22 -5.51 24.04 -2.54
CA ASP A 22 -5.09 24.36 -1.20
C ASP A 22 -5.86 23.54 -0.18
N PHE A 23 -5.26 23.42 0.99
CA PHE A 23 -5.91 22.94 2.19
C PHE A 23 -7.17 23.76 2.44
N GLY A 24 -8.31 23.07 2.56
CA GLY A 24 -9.59 23.76 2.67
C GLY A 24 -10.00 24.54 1.45
N GLY A 25 -9.36 24.30 0.31
CA GLY A 25 -9.56 25.10 -0.90
C GLY A 25 -10.47 24.42 -1.91
N SER A 26 -10.15 24.60 -3.18
CA SER A 26 -11.10 24.34 -4.24
C SER A 26 -11.43 22.85 -4.43
N LEU A 27 -10.59 21.92 -3.96
CA LEU A 27 -10.90 20.49 -4.09
C LEU A 27 -11.39 19.86 -2.82
N LYS A 28 -11.69 20.64 -1.80
CA LYS A 28 -11.97 20.08 -0.49
C LYS A 28 -13.21 19.15 -0.50
N ASP A 29 -14.12 19.31 -1.44
CA ASP A 29 -15.33 18.51 -1.57
C ASP A 29 -15.15 17.29 -2.47
N PHE A 30 -13.97 17.04 -3.03
CA PHE A 30 -13.75 15.88 -3.90
C PHE A 30 -12.95 14.83 -3.16
N SER A 31 -13.52 13.64 -3.02
CA SER A 31 -12.88 12.58 -2.27
C SER A 31 -11.66 12.02 -3.02
N PRO A 32 -10.75 11.33 -2.31
CA PRO A 32 -9.61 10.73 -3.02
C PRO A 32 -10.02 9.72 -4.05
N THR A 33 -11.10 8.92 -3.83
CA THR A 33 -11.50 8.02 -4.92
C THR A 33 -12.16 8.77 -6.07
N ASP A 34 -12.84 9.89 -5.79
CA ASP A 34 -13.38 10.71 -6.89
C ASP A 34 -12.24 11.27 -7.76
N LEU A 35 -11.22 11.87 -7.14
CA LEU A 35 -10.10 12.42 -7.93
C LEU A 35 -9.36 11.33 -8.69
N GLY A 36 -9.23 10.15 -8.09
CA GLY A 36 -8.49 9.08 -8.74
C GLY A 36 -9.19 8.55 -9.97
N ALA A 37 -10.53 8.38 -9.89
CA ALA A 37 -11.33 7.97 -11.03
C ALA A 37 -11.25 8.98 -12.16
N LYS A 38 -11.21 10.26 -11.82
CA LYS A 38 -11.13 11.30 -12.87
C LYS A 38 -9.83 11.17 -13.67
N VAL A 39 -8.70 10.94 -12.99
CA VAL A 39 -7.45 10.85 -13.74
C VAL A 39 -7.34 9.49 -14.43
N VAL A 40 -7.88 8.43 -13.83
CA VAL A 40 -7.91 7.15 -14.54
C VAL A 40 -8.63 7.27 -15.90
N SER A 41 -9.83 7.86 -15.90
CA SER A 41 -10.59 7.95 -17.15
C SER A 41 -9.85 8.82 -18.18
N GLU A 42 -9.22 9.90 -17.71
CA GLU A 42 -8.53 10.80 -18.63
C GLU A 42 -7.21 10.20 -19.15
N VAL A 43 -6.47 9.41 -18.36
CA VAL A 43 -5.25 8.87 -18.98
C VAL A 43 -5.62 7.84 -20.04
N LEU A 44 -6.70 7.10 -19.80
CA LEU A 44 -7.11 6.08 -20.76
C LEU A 44 -7.48 6.73 -22.07
N SER A 45 -8.19 7.85 -21.99
CA SER A 45 -8.57 8.54 -23.21
C SER A 45 -7.34 9.17 -23.89
N ARG A 46 -6.39 9.68 -23.15
CA ARG A 46 -5.22 10.28 -23.80
C ARG A 46 -4.34 9.21 -24.49
N ALA A 47 -4.20 8.02 -23.85
CA ALA A 47 -3.49 6.93 -24.53
C ALA A 47 -4.33 6.25 -25.63
N ASN A 48 -5.60 6.60 -25.80
CA ASN A 48 -6.42 5.83 -26.75
C ASN A 48 -6.36 4.33 -26.42
N VAL A 49 -6.57 4.01 -25.15
CA VAL A 49 -6.58 2.64 -24.63
C VAL A 49 -7.96 2.35 -24.04
N SER A 50 -8.57 1.24 -24.44
CA SER A 50 -9.85 0.84 -23.85
C SER A 50 -9.69 0.41 -22.40
N GLY A 51 -10.66 0.80 -21.57
CA GLY A 51 -10.76 0.33 -20.19
C GLY A 51 -10.75 -1.17 -20.06
N ASP A 52 -11.06 -1.91 -21.10
CA ASP A 52 -11.06 -3.36 -21.03
C ASP A 52 -9.69 -3.99 -21.32
N ALA A 53 -8.65 -3.19 -21.57
CA ALA A 53 -7.34 -3.69 -21.96
C ALA A 53 -6.25 -3.28 -20.95
N VAL A 54 -6.60 -3.10 -19.69
CA VAL A 54 -5.63 -2.71 -18.66
C VAL A 54 -5.24 -3.92 -17.84
N GLY A 55 -3.95 -4.18 -17.70
CA GLY A 55 -3.53 -5.30 -16.90
C GLY A 55 -3.45 -5.06 -15.39
N HIS A 56 -3.10 -3.86 -14.94
CA HIS A 56 -2.96 -3.65 -13.51
C HIS A 56 -3.12 -2.19 -13.23
N VAL A 57 -3.74 -1.88 -12.09
CA VAL A 57 -3.82 -0.51 -11.62
C VAL A 57 -3.16 -0.44 -10.25
N VAL A 58 -2.28 0.56 -10.06
CA VAL A 58 -1.64 0.78 -8.79
C VAL A 58 -1.77 2.25 -8.45
N PHE A 59 -2.22 2.54 -7.24
CA PHE A 59 -2.33 3.93 -6.82
C PHE A 59 -1.65 4.15 -5.46
N GLY A 60 -0.96 5.29 -5.36
CA GLY A 60 -0.36 5.73 -4.10
C GLY A 60 -1.33 6.63 -3.35
N HIS A 61 -1.34 6.46 -2.02
CA HIS A 61 -2.34 7.08 -1.15
C HIS A 61 -1.96 6.81 0.29
N VAL A 62 -1.97 7.86 1.14
CA VAL A 62 -1.41 7.79 2.49
C VAL A 62 -2.48 7.89 3.59
N VAL A 63 -3.36 8.88 3.49
CA VAL A 63 -4.29 9.19 4.57
C VAL A 63 -5.72 8.84 4.17
N ASN A 64 -6.27 7.77 4.79
CA ASN A 64 -7.64 7.31 4.50
C ASN A 64 -8.62 8.32 5.06
N THR A 65 -9.46 8.89 4.20
CA THR A 65 -10.43 9.85 4.63
C THR A 65 -11.77 9.22 4.92
N GLU A 66 -12.02 8.00 4.43
CA GLU A 66 -13.28 7.31 4.59
C GLU A 66 -13.08 5.82 4.28
N PRO A 67 -14.08 4.97 4.55
CA PRO A 67 -13.85 3.53 4.33
C PRO A 67 -13.46 3.17 2.90
N LYS A 68 -14.12 3.79 1.94
CA LYS A 68 -13.82 3.60 0.52
C LYS A 68 -12.36 3.74 0.19
N ASP A 69 -11.61 4.55 0.96
CA ASP A 69 -10.20 4.78 0.63
C ASP A 69 -9.36 3.53 0.87
N MET A 70 -9.82 2.59 1.68
CA MET A 70 -9.08 1.35 1.81
C MET A 70 -9.18 0.47 0.56
N TYR A 71 -10.08 0.85 -0.36
CA TYR A 71 -10.28 0.25 -1.67
C TYR A 71 -9.83 1.18 -2.79
N LEU A 72 -8.92 2.13 -2.48
CA LEU A 72 -8.80 3.32 -3.32
C LEU A 72 -8.47 2.94 -4.76
N ALA A 73 -7.43 2.15 -4.98
CA ALA A 73 -7.04 1.87 -6.36
C ALA A 73 -8.16 1.20 -7.13
N ARG A 74 -8.88 0.30 -6.47
CA ARG A 74 -9.95 -0.43 -7.14
C ARG A 74 -11.16 0.48 -7.45
N VAL A 75 -11.48 1.42 -6.55
CA VAL A 75 -12.61 2.33 -6.84
C VAL A 75 -12.23 3.32 -7.93
N ALA A 76 -10.99 3.82 -7.88
CA ALA A 76 -10.47 4.70 -8.92
C ALA A 76 -10.50 4.02 -10.28
N ALA A 77 -10.10 2.74 -10.30
CA ALA A 77 -10.10 1.97 -11.54
C ALA A 77 -11.53 1.74 -12.08
N ILE A 78 -12.40 1.17 -11.25
CA ILE A 78 -13.76 0.84 -11.71
C ILE A 78 -14.52 2.11 -12.07
N ASN A 79 -14.47 3.12 -11.21
CA ASN A 79 -15.28 4.30 -11.54
C ASN A 79 -14.66 5.15 -12.62
N GLY A 80 -13.37 4.85 -12.92
CA GLY A 80 -12.61 5.41 -14.01
C GLY A 80 -12.82 4.72 -15.32
N GLY A 81 -13.60 3.64 -15.33
CA GLY A 81 -13.92 2.91 -16.54
C GLY A 81 -13.05 1.72 -16.85
N VAL A 82 -12.15 1.31 -15.93
CA VAL A 82 -11.38 0.11 -16.13
C VAL A 82 -12.24 -1.09 -15.83
N ALA A 83 -12.09 -2.13 -16.62
CA ALA A 83 -12.99 -3.28 -16.48
C ALA A 83 -12.71 -3.98 -15.18
N GLN A 84 -13.75 -4.62 -14.65
CA GLN A 84 -13.64 -5.27 -13.37
C GLN A 84 -12.65 -6.43 -13.38
N HIS A 85 -12.24 -6.95 -14.54
CA HIS A 85 -11.27 -8.02 -14.47
C HIS A 85 -9.85 -7.52 -14.17
N THR A 86 -9.66 -6.21 -14.00
CA THR A 86 -8.31 -5.68 -13.81
C THR A 86 -7.94 -5.62 -12.34
N PRO A 87 -6.83 -6.21 -11.92
CA PRO A 87 -6.39 -6.03 -10.52
C PRO A 87 -5.95 -4.61 -10.19
N ALA A 88 -6.19 -4.26 -8.93
CA ALA A 88 -5.94 -2.93 -8.40
C ALA A 88 -5.31 -2.99 -7.01
N LEU A 89 -4.22 -2.23 -6.84
CA LEU A 89 -3.43 -2.21 -5.61
C LEU A 89 -3.22 -0.79 -5.11
N THR A 90 -3.35 -0.60 -3.78
CA THR A 90 -3.04 0.67 -3.15
C THR A 90 -1.72 0.52 -2.41
N VAL A 91 -0.83 1.48 -2.58
CA VAL A 91 0.50 1.42 -1.94
C VAL A 91 0.72 2.67 -1.09
N ASN A 92 1.48 2.51 0.00
CA ASN A 92 1.82 3.61 0.90
C ASN A 92 3.31 3.58 1.18
N ARG A 93 4.05 4.53 0.59
CA ARG A 93 5.46 4.81 0.93
C ARG A 93 5.58 6.30 1.24
N LEU A 94 4.59 6.75 2.02
CA LEU A 94 4.41 8.11 2.49
C LEU A 94 4.55 9.06 1.32
N CYS A 95 5.34 10.12 1.44
CA CYS A 95 5.52 11.15 0.42
C CYS A 95 5.94 10.57 -0.92
N GLY A 96 6.54 9.38 -0.96
CA GLY A 96 6.96 8.79 -2.21
C GLY A 96 5.94 7.88 -2.88
N SER A 97 4.73 7.75 -2.33
CA SER A 97 3.73 6.77 -2.77
C SER A 97 3.36 6.97 -4.24
N GLY A 98 3.31 8.22 -4.67
CA GLY A 98 2.90 8.50 -6.06
C GLY A 98 3.89 7.99 -7.07
N LEU A 99 5.16 8.09 -6.74
CA LEU A 99 6.18 7.55 -7.63
C LEU A 99 6.31 6.04 -7.44
N GLN A 100 6.20 5.58 -6.21
CA GLN A 100 6.18 4.13 -5.98
C GLN A 100 5.08 3.46 -6.80
N ALA A 101 3.90 4.03 -6.81
CA ALA A 101 2.80 3.42 -7.56
C ALA A 101 3.18 3.21 -9.02
N ILE A 102 3.92 4.18 -9.59
CA ILE A 102 4.37 4.07 -10.98
C ILE A 102 5.41 2.96 -11.14
N VAL A 103 6.36 2.90 -10.19
CA VAL A 103 7.35 1.81 -10.21
C VAL A 103 6.67 0.47 -10.05
N SER A 104 5.78 0.36 -9.09
CA SER A 104 5.06 -0.90 -8.90
C SER A 104 4.29 -1.31 -10.16
N ALA A 105 3.61 -0.35 -10.81
CA ALA A 105 2.90 -0.67 -12.06
C ALA A 105 3.86 -1.03 -13.20
N ALA A 106 4.96 -0.26 -13.30
CA ALA A 106 6.01 -0.59 -14.25
C ALA A 106 6.59 -1.98 -14.00
N GLN A 107 6.70 -2.38 -12.75
CA GLN A 107 7.24 -3.71 -12.48
C GLN A 107 6.35 -4.83 -13.03
N THR A 108 5.02 -4.65 -13.00
CA THR A 108 4.19 -5.70 -13.60
C THR A 108 4.50 -5.84 -15.10
N ILE A 109 4.81 -4.74 -15.77
CA ILE A 109 5.16 -4.82 -17.18
C ILE A 109 6.53 -5.44 -17.37
N MET A 110 7.51 -5.00 -16.57
CA MET A 110 8.88 -5.48 -16.71
C MET A 110 8.93 -7.00 -16.54
N LEU A 111 8.16 -7.53 -15.63
CA LEU A 111 8.17 -8.97 -15.33
C LEU A 111 7.23 -9.76 -16.24
N GLY A 112 6.59 -9.11 -17.21
CA GLY A 112 5.71 -9.76 -18.15
C GLY A 112 4.35 -10.16 -17.60
N ASP A 113 3.95 -9.64 -16.44
CA ASP A 113 2.62 -9.97 -15.92
C ASP A 113 1.51 -9.17 -16.56
N ALA A 114 1.83 -8.05 -17.19
CA ALA A 114 0.87 -7.14 -17.79
C ALA A 114 1.55 -6.50 -19.00
N ASP A 115 0.75 -6.08 -19.96
CA ASP A 115 1.22 -5.30 -21.09
C ASP A 115 0.84 -3.84 -20.97
N VAL A 116 -0.10 -3.52 -20.08
CA VAL A 116 -0.63 -2.19 -19.86
C VAL A 116 -0.86 -2.06 -18.38
N ALA A 117 -0.52 -0.91 -17.82
CA ALA A 117 -0.68 -0.76 -16.38
C ALA A 117 -0.79 0.72 -16.11
N ILE A 118 -1.61 1.09 -15.15
CA ILE A 118 -1.79 2.48 -14.81
C ILE A 118 -1.15 2.72 -13.45
N GLY A 119 -0.36 3.78 -13.35
CA GLY A 119 0.22 4.10 -12.07
C GLY A 119 -0.15 5.54 -11.70
N GLY A 120 -0.68 5.73 -10.49
CA GLY A 120 -1.21 7.04 -10.14
C GLY A 120 -1.07 7.27 -8.65
N GLY A 121 -1.51 8.45 -8.25
CA GLY A 121 -1.67 8.73 -6.85
C GLY A 121 -2.76 9.74 -6.63
N SER A 122 -3.29 9.72 -5.42
CA SER A 122 -4.42 10.57 -5.11
C SER A 122 -4.43 10.85 -3.62
N GLU A 123 -4.67 12.10 -3.27
CA GLU A 123 -4.68 12.47 -1.87
C GLU A 123 -5.57 13.68 -1.67
N ASN A 124 -6.35 13.67 -0.61
CA ASN A 124 -7.10 14.89 -0.28
C ASN A 124 -6.85 15.17 1.18
N MET A 125 -5.90 16.06 1.44
CA MET A 125 -5.58 16.35 2.83
C MET A 125 -6.64 17.22 3.49
N SER A 126 -7.36 18.07 2.73
CA SER A 126 -8.45 18.82 3.35
C SER A 126 -9.43 17.88 4.06
N ARG A 127 -9.55 16.66 3.56
CA ARG A 127 -10.52 15.69 4.08
C ARG A 127 -9.87 14.66 4.98
N ALA A 128 -8.62 14.84 5.35
CA ALA A 128 -8.02 13.96 6.32
C ALA A 128 -8.86 13.96 7.59
N PRO A 129 -9.17 12.79 8.18
CA PRO A 129 -10.09 12.73 9.30
C PRO A 129 -9.43 12.90 10.67
N TYR A 130 -10.27 13.04 11.68
CA TYR A 130 -9.92 12.81 13.08
C TYR A 130 -10.35 11.40 13.42
N THR A 131 -9.58 10.70 14.27
CA THR A 131 -10.00 9.43 14.84
C THR A 131 -10.33 9.60 16.32
N VAL A 132 -11.03 8.60 16.88
CA VAL A 132 -11.28 8.60 18.32
C VAL A 132 -10.98 7.17 18.78
N PRO A 133 -9.72 6.91 19.16
CA PRO A 133 -9.36 5.54 19.58
C PRO A 133 -10.24 5.00 20.70
N SER A 134 -10.78 5.84 21.60
CA SER A 134 -11.56 5.31 22.71
C SER A 134 -13.02 5.00 22.36
N ALA A 135 -13.46 5.24 21.13
CA ALA A 135 -14.90 5.17 20.83
C ALA A 135 -15.44 3.73 20.80
N ARG A 136 -14.65 2.77 20.31
CA ARG A 136 -15.17 1.42 20.16
C ARG A 136 -15.44 0.81 21.53
N PHE A 137 -14.44 0.83 22.42
CA PHE A 137 -14.63 0.21 23.72
C PHE A 137 -14.86 1.21 24.84
N GLY A 138 -14.78 2.51 24.57
CA GLY A 138 -15.21 3.39 25.64
C GLY A 138 -14.07 3.93 26.46
N GLN A 139 -14.26 5.13 26.96
CA GLN A 139 -13.29 5.81 27.78
C GLN A 139 -13.59 5.68 29.26
N ARG A 140 -14.87 5.47 29.62
CA ARG A 140 -15.28 5.21 31.00
C ARG A 140 -15.22 6.46 31.89
N MET A 141 -14.08 7.16 31.94
CA MET A 141 -13.98 8.37 32.74
C MET A 141 -12.76 9.20 32.35
N GLY A 142 -12.83 10.50 32.60
CA GLY A 142 -11.78 11.41 32.19
C GLY A 142 -11.76 11.70 30.69
N ASP A 143 -11.17 12.85 30.36
CA ASP A 143 -11.16 13.35 28.99
C ASP A 143 -10.36 12.42 28.08
N ALA A 144 -10.66 12.46 26.81
CA ALA A 144 -10.05 11.63 25.78
C ALA A 144 -9.65 12.51 24.62
N LYS A 145 -9.19 11.92 23.54
CA LYS A 145 -8.81 12.78 22.44
C LYS A 145 -9.41 12.36 21.11
N LEU A 146 -9.56 13.38 20.26
CA LEU A 146 -9.74 13.24 18.83
C LEU A 146 -8.36 13.40 18.23
N VAL A 147 -7.93 12.40 17.49
CA VAL A 147 -6.57 12.35 17.00
C VAL A 147 -6.55 12.87 15.58
N ASP A 148 -5.75 13.91 15.35
CA ASP A 148 -5.58 14.47 14.01
C ASP A 148 -4.71 13.55 13.16
N MET A 149 -5.32 12.87 12.19
CA MET A 149 -4.57 11.92 11.37
C MET A 149 -3.70 12.60 10.33
N MET A 150 -4.03 13.83 9.94
CA MET A 150 -3.15 14.63 9.07
C MET A 150 -1.84 15.03 9.77
N LEU A 151 -1.93 15.71 10.91
CA LEU A 151 -0.73 16.05 11.66
C LEU A 151 0.01 14.79 12.08
N GLY A 152 -0.74 13.72 12.37
CA GLY A 152 -0.10 12.47 12.73
C GLY A 152 0.76 11.92 11.59
N ALA A 153 0.24 11.94 10.36
CA ALA A 153 1.01 11.53 9.20
C ALA A 153 2.23 12.41 8.95
N LEU A 154 2.28 13.61 9.55
CA LEU A 154 3.39 14.54 9.37
C LEU A 154 4.35 14.53 10.55
N HIS A 155 4.20 13.54 11.44
CA HIS A 155 5.12 13.30 12.54
C HIS A 155 5.92 12.04 12.26
N ASP A 156 7.23 12.16 12.42
CA ASP A 156 8.09 10.99 12.43
C ASP A 156 7.62 10.00 13.49
N PRO A 157 7.38 8.74 13.15
CA PRO A 157 6.84 7.80 14.16
C PRO A 157 7.86 7.32 15.18
N PHE A 158 9.17 7.63 15.02
CA PHE A 158 10.20 7.13 15.93
C PHE A 158 10.55 8.09 17.05
N GLN A 159 10.62 9.39 16.76
CA GLN A 159 10.85 10.43 17.77
C GLN A 159 9.61 11.25 18.04
N THR A 160 8.57 11.10 17.20
CA THR A 160 7.35 11.88 17.34
C THR A 160 7.64 13.38 17.26
N ILE A 161 8.36 13.77 16.22
CA ILE A 161 8.64 15.18 15.87
C ILE A 161 8.06 15.42 14.48
N HIS A 162 7.55 16.62 14.27
CA HIS A 162 7.12 17.04 12.93
C HIS A 162 8.25 16.87 11.93
N MET A 163 7.88 16.45 10.72
CA MET A 163 8.75 16.48 9.55
C MET A 163 9.55 17.79 9.50
N GLY A 164 8.94 18.91 9.94
CA GLY A 164 9.64 20.18 9.96
C GLY A 164 10.90 20.20 10.82
N VAL A 165 10.90 19.46 11.93
CA VAL A 165 12.10 19.37 12.77
C VAL A 165 13.19 18.59 12.06
N THR A 166 12.80 17.51 11.35
CA THR A 166 13.80 16.79 10.55
C THR A 166 14.39 17.72 9.47
N ALA A 167 13.60 18.65 8.93
CA ALA A 167 14.13 19.60 7.96
C ALA A 167 15.18 20.50 8.62
N GLU A 168 14.93 20.88 9.88
CA GLU A 168 15.94 21.66 10.62
C GLU A 168 17.22 20.84 10.87
N ASN A 169 17.06 19.53 11.18
CA ASN A 169 18.25 18.68 11.33
C ASN A 169 19.10 18.76 10.06
N VAL A 170 18.46 18.74 8.90
CA VAL A 170 19.17 18.69 7.62
C VAL A 170 19.80 20.04 7.28
N ALA A 171 19.07 21.13 7.54
CA ALA A 171 19.69 22.44 7.34
C ALA A 171 20.94 22.58 8.19
N ARG A 172 20.87 22.15 9.46
CA ARG A 172 22.02 22.27 10.37
C ARG A 172 23.17 21.46 9.82
N LYS A 173 22.93 20.17 9.57
CA LYS A 173 24.01 19.27 9.18
C LYS A 173 24.66 19.69 7.87
N TYR A 174 23.86 20.16 6.92
CA TYR A 174 24.33 20.47 5.57
C TYR A 174 24.58 21.96 5.34
N GLY A 175 24.47 22.80 6.37
CA GLY A 175 24.81 24.21 6.21
C GLY A 175 23.89 24.97 5.27
N ILE A 176 22.58 24.74 5.39
CA ILE A 176 21.58 25.44 4.58
C ILE A 176 21.05 26.60 5.41
N THR A 177 21.48 27.82 5.10
CA THR A 177 21.05 28.98 5.86
C THR A 177 19.59 29.34 5.57
N ARG A 178 19.03 30.18 6.45
CA ARG A 178 17.70 30.76 6.25
C ARG A 178 17.61 31.51 4.93
N ASP A 179 18.61 32.36 4.64
CA ASP A 179 18.61 33.15 3.41
C ASP A 179 18.60 32.26 2.16
N ALA A 180 19.35 31.14 2.20
CA ALA A 180 19.29 30.19 1.09
C ALA A 180 17.90 29.56 0.92
N GLN A 181 17.25 29.22 2.04
CA GLN A 181 15.94 28.59 1.98
C GLN A 181 14.90 29.59 1.45
N ASP A 182 14.96 30.82 1.95
CA ASP A 182 14.05 31.84 1.45
C ASP A 182 14.31 32.14 -0.03
N ALA A 183 15.58 32.14 -0.46
CA ALA A 183 15.83 32.38 -1.88
C ALA A 183 15.27 31.24 -2.75
N LEU A 184 15.39 30.01 -2.28
CA LEU A 184 14.79 28.92 -3.04
C LEU A 184 13.26 29.02 -3.08
N ALA A 185 12.64 29.37 -1.94
CA ALA A 185 11.19 29.48 -1.85
C ALA A 185 10.65 30.55 -2.79
N LEU A 186 11.25 31.73 -2.74
CA LEU A 186 10.81 32.82 -3.60
C LEU A 186 10.93 32.40 -5.05
N GLU A 187 12.09 31.85 -5.41
CA GLU A 187 12.33 31.49 -6.80
C GLU A 187 11.33 30.43 -7.29
N SER A 188 10.86 29.55 -6.39
CA SER A 188 9.88 28.54 -6.76
C SER A 188 8.53 29.17 -7.07
N HIS A 189 8.12 30.16 -6.29
CA HIS A 189 6.88 30.84 -6.60
C HIS A 189 6.97 31.62 -7.90
N ARG A 190 8.13 32.22 -8.19
CA ARG A 190 8.25 33.00 -9.42
C ARG A 190 8.28 32.11 -10.66
N ARG A 191 8.93 30.95 -10.57
CA ARG A 191 8.93 29.99 -11.67
C ARG A 191 7.53 29.44 -11.93
N ALA A 192 6.81 29.07 -10.85
CA ALA A 192 5.46 28.57 -10.99
C ALA A 192 4.54 29.62 -11.58
N ALA A 193 4.74 30.89 -11.21
CA ALA A 193 3.84 31.91 -11.72
C ALA A 193 4.13 32.20 -13.18
N ARG A 194 5.40 32.11 -13.60
CA ARG A 194 5.74 32.20 -15.01
C ARG A 194 5.14 31.03 -15.77
N ALA A 195 5.24 29.82 -15.21
CA ALA A 195 4.70 28.64 -15.89
C ALA A 195 3.20 28.78 -16.10
N ILE A 196 2.49 29.30 -15.10
CA ILE A 196 1.07 29.50 -15.27
C ILE A 196 0.82 30.57 -16.34
N ALA A 197 1.53 31.68 -16.31
CA ALA A 197 1.24 32.74 -17.28
C ALA A 197 1.58 32.33 -18.72
N GLU A 198 2.63 31.51 -18.93
CA GLU A 198 2.97 31.03 -20.26
C GLU A 198 2.16 29.81 -20.71
N GLY A 199 1.33 29.25 -19.83
CA GLY A 199 0.50 28.12 -20.19
C GLY A 199 1.22 26.79 -20.19
N ARG A 200 2.36 26.71 -19.50
CA ARG A 200 3.17 25.52 -19.59
C ARG A 200 2.45 24.29 -19.04
N PHE A 201 1.50 24.51 -18.12
CA PHE A 201 0.80 23.40 -17.48
C PHE A 201 -0.51 23.01 -18.17
N LYS A 202 -0.98 23.78 -19.15
CA LYS A 202 -2.32 23.58 -19.70
C LYS A 202 -2.54 22.16 -20.22
N ASP A 203 -1.58 21.59 -20.97
CA ASP A 203 -1.83 20.29 -21.59
C ASP A 203 -1.85 19.18 -20.54
N GLN A 204 -1.12 19.31 -19.47
CA GLN A 204 -1.01 18.20 -18.54
C GLN A 204 -2.10 18.23 -17.47
N ILE A 205 -2.88 19.31 -17.34
CA ILE A 205 -3.90 19.43 -16.31
C ILE A 205 -5.27 19.03 -16.86
N LEU A 206 -5.99 18.23 -16.08
CA LEU A 206 -7.40 17.93 -16.32
C LEU A 206 -8.23 18.93 -15.51
N PRO A 207 -8.96 19.86 -16.15
CA PRO A 207 -9.86 20.75 -15.39
C PRO A 207 -10.93 20.00 -14.61
N ILE A 208 -11.29 20.52 -13.45
CA ILE A 208 -12.37 19.97 -12.62
C ILE A 208 -13.41 21.07 -12.46
N SER A 209 -14.64 20.77 -12.87
CA SER A 209 -15.72 21.72 -12.72
C SER A 209 -16.17 21.73 -11.27
N ILE A 210 -16.10 22.88 -10.62
CA ILE A 210 -16.40 22.95 -9.20
C ILE A 210 -17.72 23.71 -9.05
N ARG A 211 -18.75 22.94 -8.73
CA ARG A 211 -20.01 23.42 -8.17
C ARG A 211 -19.76 24.62 -7.26
N THR A 212 -20.17 25.81 -7.70
CA THR A 212 -20.26 26.98 -6.83
C THR A 212 -21.67 27.56 -6.92
N LYS A 213 -22.03 28.36 -5.91
CA LYS A 213 -23.37 28.94 -5.85
C LYS A 213 -23.68 29.80 -7.07
N LYS A 214 -22.64 30.38 -7.67
CA LYS A 214 -22.75 31.25 -8.84
C LYS A 214 -22.77 30.46 -10.14
N GLY A 215 -22.79 29.14 -10.07
CA GLY A 215 -22.67 28.29 -11.24
C GLY A 215 -21.30 27.64 -11.33
N GLU A 216 -21.18 26.75 -12.32
CA GLU A 216 -19.96 25.97 -12.48
C GLU A 216 -18.81 26.85 -12.95
N VAL A 217 -17.65 26.68 -12.30
CA VAL A 217 -16.42 27.27 -12.74
C VAL A 217 -15.36 26.18 -12.84
N ALA A 218 -14.40 26.38 -13.72
CA ALA A 218 -13.39 25.37 -14.01
C ALA A 218 -12.20 25.61 -13.08
N PHE A 219 -11.84 24.59 -12.32
CA PHE A 219 -10.61 24.57 -11.54
C PHE A 219 -9.51 23.95 -12.41
N ASP A 220 -8.56 24.79 -12.90
CA ASP A 220 -7.53 24.31 -13.81
C ASP A 220 -6.19 25.00 -13.54
N THR A 221 -6.06 25.67 -12.40
CA THR A 221 -4.87 26.41 -12.06
C THR A 221 -4.49 26.13 -10.61
N ASP A 222 -3.22 25.82 -10.41
CA ASP A 222 -2.58 25.56 -9.12
C ASP A 222 -2.68 26.81 -8.25
N GLU A 223 -3.56 26.73 -7.23
CA GLU A 223 -3.92 27.91 -6.48
C GLU A 223 -2.99 28.24 -5.30
N HIS A 224 -2.01 27.41 -5.00
CA HIS A 224 -1.11 27.70 -3.88
C HIS A 224 -0.13 28.80 -4.23
N VAL A 225 0.07 29.04 -5.52
CA VAL A 225 1.11 29.90 -6.04
C VAL A 225 0.79 31.35 -5.70
N ARG A 226 1.76 32.03 -5.10
CA ARG A 226 1.72 33.48 -4.93
C ARG A 226 2.33 34.12 -6.17
N HIS A 227 1.55 34.94 -6.89
CA HIS A 227 2.02 35.54 -8.14
C HIS A 227 2.71 36.88 -7.92
N ASP A 228 2.61 37.45 -6.73
CA ASP A 228 3.12 38.79 -6.42
C ASP A 228 4.25 38.74 -5.39
N ALA A 229 4.96 37.62 -5.32
CA ALA A 229 5.87 37.41 -4.22
C ALA A 229 7.14 38.23 -4.40
N GLY A 230 7.68 38.70 -3.27
CA GLY A 230 9.03 39.21 -3.21
C GLY A 230 9.73 38.82 -1.93
N PRO A 231 11.04 39.16 -1.86
CA PRO A 231 11.88 38.64 -0.75
C PRO A 231 11.31 38.87 0.64
N ASP A 232 10.70 40.05 0.87
CA ASP A 232 10.22 40.37 2.20
C ASP A 232 9.03 39.51 2.65
N ASP A 233 8.27 38.92 1.73
CA ASP A 233 7.20 38.02 2.15
C ASP A 233 7.78 36.83 2.90
N PHE A 234 9.01 36.42 2.57
CA PHE A 234 9.65 35.31 3.26
C PHE A 234 10.54 35.76 4.41
N THR A 235 11.17 36.93 4.31
CA THR A 235 11.98 37.42 5.42
C THR A 235 11.16 37.65 6.69
N LYS A 236 10.01 38.31 6.56
CA LYS A 236 9.22 38.66 7.74
C LYS A 236 8.75 37.45 8.54
N LEU A 237 8.72 36.24 7.93
CA LEU A 237 8.11 35.10 8.61
C LEU A 237 9.02 34.55 9.73
N LYS A 238 8.39 33.92 10.73
CA LYS A 238 9.12 33.41 11.88
C LYS A 238 9.22 31.88 11.81
N PRO A 239 10.30 31.29 12.32
CA PRO A 239 10.40 29.82 12.31
C PRO A 239 9.26 29.20 13.10
N VAL A 240 8.86 28.02 12.65
CA VAL A 240 7.59 27.43 13.06
C VAL A 240 7.76 26.09 13.77
N PHE A 241 8.91 25.43 13.67
CA PHE A 241 8.99 24.07 14.17
C PHE A 241 9.90 23.88 15.37
N VAL A 242 10.83 24.79 15.61
CA VAL A 242 11.66 24.79 16.81
C VAL A 242 11.64 26.18 17.43
N LYS A 243 11.85 26.23 18.74
CA LYS A 243 11.82 27.50 19.46
C LYS A 243 13.14 28.27 19.36
N GLU A 244 14.25 27.60 19.09
CA GLU A 244 15.56 28.23 19.14
C GLU A 244 16.27 27.99 17.81
N ASP A 245 16.86 29.04 17.25
CA ASP A 245 17.73 28.95 16.09
C ASP A 245 17.02 28.39 14.86
N GLY A 246 15.72 28.63 14.75
CA GLY A 246 14.97 28.15 13.60
C GLY A 246 15.29 28.84 12.28
N THR A 247 15.05 28.10 11.20
CA THR A 247 15.17 28.56 9.82
C THR A 247 13.95 28.18 8.95
N VAL A 248 13.21 27.13 9.32
CA VAL A 248 12.10 26.62 8.54
C VAL A 248 10.82 27.35 8.93
N THR A 249 10.15 27.93 7.93
CA THR A 249 8.97 28.75 8.13
C THR A 249 7.79 28.20 7.32
N ALA A 250 6.59 28.79 7.51
CA ALA A 250 5.45 28.42 6.68
C ALA A 250 5.73 28.73 5.23
N GLY A 251 6.54 29.77 5.00
CA GLY A 251 6.79 30.25 3.65
C GLY A 251 7.81 29.45 2.89
N ASN A 252 8.80 28.87 3.57
CA ASN A 252 9.82 28.07 2.90
C ASN A 252 9.62 26.57 3.14
N ALA A 253 8.45 26.16 3.64
CA ALA A 253 8.01 24.77 3.65
C ALA A 253 6.89 24.55 2.64
N SER A 254 6.75 23.33 2.16
CA SER A 254 5.70 23.03 1.21
C SER A 254 4.32 23.24 1.83
N GLY A 255 3.31 23.38 0.99
CA GLY A 255 1.97 23.37 1.53
C GLY A 255 1.53 21.95 1.77
N ILE A 256 0.36 21.80 2.39
CA ILE A 256 -0.36 20.53 2.38
C ILE A 256 -1.62 20.72 1.53
N ASN A 257 -1.96 19.70 0.74
CA ASN A 257 -2.77 19.95 -0.47
C ASN A 257 -3.56 18.73 -0.94
N ASP A 258 -4.39 18.98 -1.97
CA ASP A 258 -5.31 18.01 -2.55
C ASP A 258 -5.04 17.88 -4.04
N ALA A 259 -4.85 16.66 -4.54
CA ALA A 259 -4.64 16.46 -5.97
C ALA A 259 -4.66 14.97 -6.31
N ALA A 260 -4.74 14.68 -7.60
CA ALA A 260 -4.49 13.34 -8.13
C ALA A 260 -3.75 13.43 -9.45
N ALA A 261 -3.03 12.35 -9.79
CA ALA A 261 -2.34 12.27 -11.06
C ALA A 261 -2.17 10.82 -11.46
N ALA A 262 -1.91 10.61 -12.75
CA ALA A 262 -1.69 9.24 -13.18
C ALA A 262 -0.94 9.23 -14.50
N VAL A 263 -0.32 8.08 -14.79
CA VAL A 263 0.25 7.78 -16.09
C VAL A 263 -0.21 6.40 -16.50
N LEU A 264 -0.20 6.16 -17.80
CA LEU A 264 -0.54 4.87 -18.35
C LEU A 264 0.69 4.36 -19.07
N MET A 265 1.06 3.11 -18.83
CA MET A 265 2.28 2.58 -19.38
C MET A 265 1.95 1.29 -20.11
N MET A 266 2.83 0.90 -21.03
CA MET A 266 2.66 -0.30 -21.82
C MET A 266 4.04 -0.91 -21.99
N SER A 267 4.12 -2.22 -22.14
CA SER A 267 5.35 -2.79 -22.69
C SER A 267 5.70 -2.11 -24.00
N ALA A 268 7.00 -2.12 -24.34
CA ALA A 268 7.44 -1.49 -25.58
C ALA A 268 6.81 -2.16 -26.80
N ASP A 269 6.64 -3.46 -26.76
CA ASP A 269 6.03 -4.16 -27.88
C ASP A 269 4.56 -3.77 -28.07
N ALA A 270 3.76 -3.71 -26.99
CA ALA A 270 2.39 -3.25 -27.16
C ALA A 270 2.35 -1.84 -27.73
N ALA A 271 3.26 -0.97 -27.24
CA ALA A 271 3.27 0.42 -27.68
C ALA A 271 3.63 0.49 -29.15
N ARG A 272 4.64 -0.27 -29.56
CA ARG A 272 4.99 -0.35 -30.97
C ARG A 272 3.78 -0.76 -31.78
N ALA A 273 3.16 -1.87 -31.40
CA ALA A 273 2.16 -2.49 -32.28
C ALA A 273 0.95 -1.60 -32.43
N GLN A 274 0.57 -0.88 -31.37
CA GLN A 274 -0.55 0.06 -31.43
C GLN A 274 -0.18 1.36 -32.11
N GLY A 275 1.10 1.73 -32.12
CA GLY A 275 1.50 2.91 -32.85
C GLY A 275 1.33 4.19 -32.05
N VAL A 276 1.39 4.08 -30.72
CA VAL A 276 1.23 5.25 -29.88
C VAL A 276 2.40 6.21 -30.11
N LYS A 277 2.15 7.49 -29.80
CA LYS A 277 3.11 8.58 -29.75
C LYS A 277 3.33 8.85 -28.26
N PRO A 278 4.35 8.25 -27.63
CA PRO A 278 4.41 8.25 -26.17
C PRO A 278 5.14 9.45 -25.58
N LEU A 279 4.99 9.59 -24.28
CA LEU A 279 5.77 10.60 -23.57
C LEU A 279 7.24 10.18 -23.46
N ALA A 280 7.52 9.03 -22.85
CA ALA A 280 8.88 8.69 -22.47
C ALA A 280 8.96 7.18 -22.32
N ARG A 281 10.19 6.70 -22.09
CA ARG A 281 10.43 5.37 -21.55
C ARG A 281 11.04 5.49 -20.16
N LEU A 282 10.81 4.46 -19.36
CA LEU A 282 11.44 4.32 -18.06
C LEU A 282 12.83 3.74 -18.24
N VAL A 283 13.83 4.44 -17.69
CA VAL A 283 15.21 4.00 -17.80
C VAL A 283 15.65 3.21 -16.58
N ALA A 284 15.32 3.66 -15.38
CA ALA A 284 15.75 3.00 -14.16
C ALA A 284 15.04 3.66 -12.99
N TYR A 285 14.99 2.95 -11.86
CA TYR A 285 14.52 3.51 -10.62
C TYR A 285 15.42 2.98 -9.51
N ALA A 286 15.38 3.63 -8.34
CA ALA A 286 16.09 3.13 -7.17
C ALA A 286 15.44 3.66 -5.91
N HIS A 287 15.71 2.97 -4.81
CA HIS A 287 15.19 3.31 -3.50
C HIS A 287 16.34 3.50 -2.52
N ALA A 288 16.07 4.15 -1.40
CA ALA A 288 17.07 4.23 -0.36
C ALA A 288 16.38 4.49 0.97
N GLY A 289 17.03 4.09 2.06
CA GLY A 289 16.62 4.46 3.39
C GLY A 289 17.77 5.21 4.04
N VAL A 290 17.43 6.13 4.94
CA VAL A 290 18.37 6.98 5.65
C VAL A 290 17.90 7.09 7.10
N ASP A 291 18.68 7.79 7.92
CA ASP A 291 18.30 8.15 9.29
C ASP A 291 16.95 8.87 9.27
N PRO A 292 15.93 8.35 9.96
CA PRO A 292 14.62 9.04 9.97
C PRO A 292 14.69 10.51 10.37
N ALA A 293 15.68 10.88 11.21
CA ALA A 293 15.82 12.25 11.68
C ALA A 293 16.40 13.18 10.61
N TYR A 294 16.89 12.62 9.50
CA TYR A 294 17.44 13.35 8.36
C TYR A 294 16.75 12.91 7.09
N MET A 295 15.47 12.53 7.19
CA MET A 295 14.77 11.97 6.03
C MET A 295 14.85 12.88 4.81
N GLY A 296 15.02 14.19 4.99
CA GLY A 296 15.04 15.05 3.84
C GLY A 296 16.19 14.80 2.85
N ILE A 297 17.28 14.09 3.25
CA ILE A 297 18.33 13.88 2.25
C ILE A 297 18.17 12.55 1.52
N GLY A 298 17.07 11.83 1.75
CA GLY A 298 16.83 10.58 1.06
C GLY A 298 17.05 10.56 -0.44
N PRO A 299 16.69 11.65 -1.17
CA PRO A 299 16.88 11.63 -2.64
C PRO A 299 18.35 11.47 -3.04
N VAL A 300 19.31 11.95 -2.26
CA VAL A 300 20.74 11.81 -2.60
C VAL A 300 21.09 10.36 -2.87
N PRO A 301 21.08 9.41 -1.90
CA PRO A 301 21.54 8.05 -2.30
C PRO A 301 20.61 7.42 -3.34
N ALA A 302 19.31 7.71 -3.31
CA ALA A 302 18.38 7.14 -4.28
C ALA A 302 18.73 7.56 -5.70
N THR A 303 19.03 8.85 -5.87
CA THR A 303 19.44 9.39 -7.16
C THR A 303 20.78 8.81 -7.61
N GLN A 304 21.74 8.70 -6.69
CA GLN A 304 23.01 8.09 -7.02
C GLN A 304 22.82 6.67 -7.54
N LYS A 305 22.04 5.86 -6.81
CA LYS A 305 21.82 4.48 -7.24
C LYS A 305 21.06 4.42 -8.57
N ALA A 306 20.15 5.37 -8.82
CA ALA A 306 19.39 5.30 -10.06
C ALA A 306 20.29 5.63 -11.24
N LEU A 307 21.11 6.67 -11.09
CA LEU A 307 22.07 7.05 -12.12
C LEU A 307 23.06 5.90 -12.41
N GLU A 308 23.54 5.21 -11.37
CA GLU A 308 24.38 4.03 -11.60
C GLU A 308 23.64 2.98 -12.45
N ARG A 309 22.35 2.72 -12.17
CA ARG A 309 21.63 1.67 -12.89
C ARG A 309 21.35 2.08 -14.34
N ALA A 310 21.12 3.37 -14.59
CA ALA A 310 20.95 3.90 -15.94
C ALA A 310 22.25 4.03 -16.71
N GLY A 311 23.39 3.90 -16.04
CA GLY A 311 24.64 4.21 -16.73
C GLY A 311 24.77 5.67 -17.10
N LEU A 312 24.23 6.58 -16.27
CA LEU A 312 24.26 8.00 -16.58
C LEU A 312 24.96 8.79 -15.47
N LYS A 313 25.20 10.04 -15.79
CA LYS A 313 25.79 10.98 -14.84
C LYS A 313 24.81 12.13 -14.64
N ILE A 314 24.98 12.80 -13.50
CA ILE A 314 24.24 14.01 -13.16
C ILE A 314 24.15 14.93 -14.37
N THR A 315 25.25 15.11 -15.08
CA THR A 315 25.28 16.09 -16.19
C THR A 315 24.45 15.66 -17.39
N ASP A 316 24.01 14.41 -17.45
CA ASP A 316 23.12 14.00 -18.54
C ASP A 316 21.66 14.35 -18.27
N LEU A 317 21.35 14.93 -17.10
CA LEU A 317 19.96 15.20 -16.76
C LEU A 317 19.52 16.56 -17.29
N ASP A 318 18.55 16.58 -18.21
CA ASP A 318 18.04 17.85 -18.71
C ASP A 318 16.98 18.45 -17.79
N VAL A 319 16.29 17.62 -17.05
CA VAL A 319 15.15 18.03 -16.26
C VAL A 319 15.22 17.25 -14.96
N ILE A 320 14.94 17.91 -13.86
CA ILE A 320 14.96 17.28 -12.55
C ILE A 320 13.73 17.76 -11.84
N GLU A 321 12.86 16.84 -11.43
CA GLU A 321 11.79 17.18 -10.51
C GLU A 321 12.14 16.55 -9.17
N ALA A 322 12.60 17.36 -8.23
CA ALA A 322 12.94 16.92 -6.88
C ALA A 322 12.04 17.67 -5.92
N ASN A 323 11.10 16.96 -5.30
CA ASN A 323 10.03 17.66 -4.58
C ASN A 323 10.59 18.56 -3.48
N GLU A 324 10.15 19.82 -3.47
CA GLU A 324 10.54 20.77 -2.43
C GLU A 324 9.57 20.50 -1.28
N ALA A 325 9.88 19.46 -0.47
CA ALA A 325 9.14 19.28 0.79
C ALA A 325 9.46 20.42 1.75
N PHE A 326 10.76 20.75 1.89
CA PHE A 326 11.22 21.92 2.67
C PHE A 326 12.40 22.52 1.93
N ALA A 327 12.50 23.87 1.89
CA ALA A 327 13.65 24.43 1.20
C ALA A 327 14.93 23.95 1.88
N ALA A 328 14.88 23.75 3.20
CA ALA A 328 16.03 23.23 3.95
C ALA A 328 16.53 21.93 3.33
N GLN A 329 15.63 20.97 3.08
CA GLN A 329 16.10 19.71 2.50
C GLN A 329 16.33 19.79 1.00
N ALA A 330 15.49 20.53 0.28
CA ALA A 330 15.66 20.60 -1.17
C ALA A 330 17.01 21.26 -1.54
N CYS A 331 17.42 22.28 -0.77
CA CYS A 331 18.73 22.92 -1.03
C CYS A 331 19.88 21.93 -0.79
N ALA A 332 19.74 21.11 0.27
CA ALA A 332 20.79 20.16 0.65
C ALA A 332 20.90 19.05 -0.39
N VAL A 333 19.74 18.61 -0.90
CA VAL A 333 19.73 17.61 -1.97
C VAL A 333 20.46 18.14 -3.20
N THR A 334 20.10 19.33 -3.66
CA THR A 334 20.79 19.90 -4.82
C THR A 334 22.27 20.10 -4.54
N GLN A 335 22.60 20.49 -3.32
CA GLN A 335 24.01 20.72 -3.01
C GLN A 335 24.81 19.43 -2.95
N GLU A 336 24.26 18.39 -2.36
CA GLU A 336 25.03 17.17 -2.20
C GLU A 336 25.16 16.41 -3.52
N LEU A 337 24.17 16.54 -4.42
CA LEU A 337 24.29 15.90 -5.72
C LEU A 337 25.01 16.76 -6.76
N GLY A 338 25.28 18.03 -6.49
CA GLY A 338 25.92 18.89 -7.50
C GLY A 338 25.02 19.34 -8.64
N LEU A 339 23.73 19.44 -8.42
CA LEU A 339 22.79 19.79 -9.47
C LEU A 339 22.84 21.29 -9.77
N ASP A 340 22.38 21.64 -10.97
CA ASP A 340 22.25 23.03 -11.40
C ASP A 340 20.87 23.53 -10.97
N PRO A 341 20.77 24.51 -10.07
CA PRO A 341 19.44 24.93 -9.60
C PRO A 341 18.55 25.40 -10.75
N ALA A 342 19.15 25.77 -11.88
CA ALA A 342 18.36 26.22 -13.01
C ALA A 342 17.62 25.06 -13.68
N LYS A 343 18.12 23.84 -13.52
CA LYS A 343 17.48 22.69 -14.14
C LYS A 343 16.59 21.93 -13.19
N VAL A 344 16.78 22.15 -11.89
CA VAL A 344 15.95 21.54 -10.84
C VAL A 344 14.65 22.32 -10.68
N ASN A 345 13.52 21.62 -10.81
CA ASN A 345 12.20 22.22 -10.64
C ASN A 345 12.10 23.55 -11.42
N PRO A 346 12.24 23.48 -12.75
CA PRO A 346 12.23 24.73 -13.54
C PRO A 346 10.90 25.45 -13.49
N ASN A 347 9.85 24.81 -13.03
CA ASN A 347 8.55 25.47 -13.01
C ASN A 347 7.95 25.51 -11.63
N GLY A 348 8.79 25.40 -10.58
CA GLY A 348 8.31 25.33 -9.22
C GLY A 348 8.10 23.91 -8.76
N SER A 349 7.82 23.79 -7.46
CA SER A 349 7.53 22.49 -6.89
C SER A 349 6.71 22.67 -5.61
N GLY A 350 6.89 21.74 -4.64
CA GLY A 350 6.03 21.69 -3.45
C GLY A 350 5.83 23.03 -2.76
N ILE A 351 6.86 23.85 -2.67
CA ILE A 351 6.73 25.09 -1.89
C ILE A 351 5.68 26.03 -2.50
N SER A 352 5.63 26.08 -3.85
CA SER A 352 4.79 27.01 -4.58
C SER A 352 3.54 26.35 -5.14
N LEU A 353 3.66 25.13 -5.68
CA LEU A 353 2.51 24.43 -6.20
C LEU A 353 1.78 23.58 -5.16
N GLY A 354 2.43 23.20 -4.07
CA GLY A 354 1.83 22.34 -3.08
C GLY A 354 2.38 20.93 -3.12
N HIS A 355 2.06 20.17 -2.04
CA HIS A 355 2.55 18.81 -1.77
C HIS A 355 1.34 17.96 -1.39
N PRO A 356 0.58 17.50 -2.37
CA PRO A 356 -0.57 16.58 -2.11
C PRO A 356 -0.12 15.13 -1.87
N ILE A 357 0.41 14.89 -0.68
CA ILE A 357 1.32 13.77 -0.37
C ILE A 357 1.35 12.59 -1.34
N GLY A 358 0.34 11.73 -1.23
CA GLY A 358 0.38 10.49 -1.98
C GLY A 358 0.29 10.74 -3.48
N ALA A 359 -0.29 11.86 -3.88
CA ALA A 359 -0.32 12.11 -5.32
C ALA A 359 0.99 12.73 -5.81
N THR A 360 1.80 13.30 -4.92
CA THR A 360 2.87 14.19 -5.39
C THR A 360 3.81 13.50 -6.36
N GLY A 361 4.18 12.26 -6.08
CA GLY A 361 5.23 11.60 -6.87
C GLY A 361 4.77 11.23 -8.29
N ALA A 362 3.48 10.96 -8.46
CA ALA A 362 2.92 10.74 -9.79
C ALA A 362 2.77 12.08 -10.51
N LEU A 363 2.34 13.11 -9.78
CA LEU A 363 2.13 14.44 -10.38
C LEU A 363 3.43 15.03 -10.92
N ILE A 364 4.51 14.94 -10.16
CA ILE A 364 5.78 15.52 -10.61
C ILE A 364 6.45 14.67 -11.70
N THR A 365 6.09 13.38 -11.81
CA THR A 365 6.48 12.61 -13.00
C THR A 365 5.81 13.22 -14.22
N VAL A 366 4.52 13.52 -14.10
CA VAL A 366 3.80 14.17 -15.19
C VAL A 366 4.50 15.47 -15.54
N LYS A 367 4.84 16.28 -14.54
CA LYS A 367 5.50 17.56 -14.79
C LYS A 367 6.82 17.39 -15.54
N ALA A 368 7.63 16.40 -15.14
CA ALA A 368 8.94 16.17 -15.74
C ALA A 368 8.81 15.73 -17.17
N LEU A 369 7.82 14.88 -17.45
CA LEU A 369 7.72 14.36 -18.81
C LEU A 369 7.22 15.45 -19.77
N TYR A 370 6.29 16.31 -19.30
CA TYR A 370 5.81 17.41 -20.17
C TYR A 370 6.91 18.44 -20.36
N GLU A 371 7.73 18.70 -19.34
CA GLU A 371 8.84 19.65 -19.49
C GLU A 371 9.88 19.12 -20.47
N LEU A 372 10.15 17.82 -20.46
CA LEU A 372 11.03 17.24 -21.47
C LEU A 372 10.56 17.57 -22.88
N LYS A 373 9.26 17.44 -23.12
CA LYS A 373 8.68 17.77 -24.42
C LYS A 373 8.74 19.27 -24.68
N ARG A 374 8.60 20.10 -23.65
CA ARG A 374 8.61 21.54 -23.87
C ARG A 374 9.96 22.01 -24.40
N ILE A 375 11.05 21.41 -23.92
CA ILE A 375 12.41 21.87 -24.24
C ILE A 375 13.14 20.92 -25.19
N GLY A 376 12.51 19.83 -25.62
CA GLY A 376 13.22 18.84 -26.42
C GLY A 376 14.38 18.18 -25.69
N GLY A 377 14.33 18.08 -24.36
CA GLY A 377 15.35 17.38 -23.60
C GLY A 377 15.24 15.89 -23.80
N ARG A 378 16.18 15.15 -23.18
CA ARG A 378 16.24 13.71 -23.33
C ARG A 378 15.93 12.97 -22.04
N TYR A 379 16.64 13.28 -20.98
CA TYR A 379 16.55 12.57 -19.72
C TYR A 379 16.05 13.47 -18.59
N ALA A 380 15.13 12.91 -17.79
CA ALA A 380 14.57 13.59 -16.63
C ALA A 380 14.72 12.69 -15.41
N LEU A 381 15.08 13.30 -14.27
CA LEU A 381 15.12 12.61 -12.98
C LEU A 381 13.94 13.05 -12.16
N VAL A 382 13.21 12.08 -11.60
CA VAL A 382 12.13 12.35 -10.64
C VAL A 382 12.56 11.76 -9.31
N THR A 383 12.57 12.56 -8.24
CA THR A 383 13.07 12.05 -6.96
C THR A 383 12.39 12.78 -5.80
N MET A 384 12.21 12.08 -4.67
CA MET A 384 11.61 12.74 -3.51
C MET A 384 12.06 12.10 -2.20
N CYS A 385 12.10 12.91 -1.15
CA CYS A 385 12.35 12.47 0.23
C CYS A 385 11.06 11.87 0.79
N ILE A 386 11.22 11.10 1.86
CA ILE A 386 10.12 10.27 2.36
C ILE A 386 10.19 10.23 3.88
N GLY A 387 9.08 10.59 4.53
CA GLY A 387 9.04 10.56 5.99
C GLY A 387 9.25 9.15 6.51
N GLY A 388 9.91 9.07 7.69
CA GLY A 388 10.42 7.81 8.18
C GLY A 388 11.82 7.53 7.73
N GLY A 389 12.32 8.31 6.74
CA GLY A 389 13.71 8.25 6.31
C GLY A 389 13.92 7.35 5.11
N GLN A 390 13.38 7.75 3.94
CA GLN A 390 13.62 7.01 2.72
C GLN A 390 13.77 7.99 1.58
N GLY A 391 14.19 7.47 0.44
CA GLY A 391 14.23 8.25 -0.79
C GLY A 391 13.81 7.34 -1.93
N ILE A 392 13.30 7.95 -3.01
CA ILE A 392 12.94 7.19 -4.22
C ILE A 392 13.32 8.06 -5.42
N ALA A 393 13.78 7.42 -6.47
CA ALA A 393 14.20 8.12 -7.67
C ALA A 393 13.87 7.26 -8.90
N ALA A 394 13.48 7.96 -9.98
CA ALA A 394 13.31 7.35 -11.29
C ALA A 394 13.86 8.29 -12.36
N ILE A 395 14.42 7.68 -13.40
CA ILE A 395 14.92 8.38 -14.59
C ILE A 395 14.11 7.93 -15.79
N PHE A 396 13.67 8.90 -16.61
CA PHE A 396 12.87 8.69 -17.79
C PHE A 396 13.58 9.31 -18.99
N GLU A 397 13.40 8.69 -20.15
CA GLU A 397 13.96 9.18 -21.39
C GLU A 397 12.81 9.60 -22.32
N ASN A 398 12.85 10.84 -22.77
CA ASN A 398 11.91 11.33 -23.75
C ASN A 398 12.09 10.56 -25.07
N ILE A 399 11.00 10.03 -25.61
CA ILE A 399 11.05 9.32 -26.89
C ILE A 399 9.83 9.64 -27.73
N ALA B 7 14.26 -13.77 -14.82
CA ALA B 7 13.88 -13.42 -13.45
C ALA B 7 14.48 -14.42 -12.47
N LYS B 8 15.16 -13.91 -11.44
CA LYS B 8 15.90 -14.76 -10.53
C LYS B 8 14.95 -15.63 -9.70
N GLU B 9 15.51 -16.72 -9.15
CA GLU B 9 14.76 -17.64 -8.31
C GLU B 9 14.65 -17.09 -6.91
N VAL B 10 13.46 -17.22 -6.31
CA VAL B 10 13.21 -16.68 -4.98
C VAL B 10 13.00 -17.84 -4.02
N VAL B 11 13.78 -17.90 -2.95
CA VAL B 11 13.63 -18.94 -1.95
C VAL B 11 13.17 -18.32 -0.62
N VAL B 12 12.22 -19.00 0.01
CA VAL B 12 11.68 -18.64 1.31
C VAL B 12 12.50 -19.40 2.34
N VAL B 13 13.39 -18.71 3.05
CA VAL B 13 14.25 -19.42 3.98
C VAL B 13 13.59 -19.54 5.36
N SER B 14 12.83 -18.55 5.80
CA SER B 14 12.23 -18.64 7.13
C SER B 14 10.87 -17.95 7.15
N GLY B 15 10.05 -18.34 8.14
CA GLY B 15 8.74 -17.74 8.29
C GLY B 15 8.23 -17.90 9.70
N VAL B 16 7.26 -17.06 10.07
CA VAL B 16 6.72 -17.09 11.41
C VAL B 16 5.40 -16.35 11.44
N ARG B 17 4.59 -16.65 12.46
CA ARG B 17 3.34 -15.94 12.71
C ARG B 17 3.06 -15.91 14.20
N THR B 18 2.34 -14.87 14.63
CA THR B 18 1.69 -14.91 15.92
C THR B 18 0.51 -15.86 15.89
N ALA B 19 0.09 -16.30 17.07
CA ALA B 19 -1.26 -16.84 17.23
C ALA B 19 -2.27 -15.76 16.91
N ILE B 20 -3.42 -16.20 16.40
CA ILE B 20 -4.46 -15.26 16.00
C ILE B 20 -5.30 -14.93 17.24
N GLY B 21 -5.50 -13.65 17.49
CA GLY B 21 -6.30 -13.19 18.60
C GLY B 21 -7.74 -12.91 18.16
N ASP B 22 -8.66 -13.05 19.11
CA ASP B 22 -10.06 -12.73 18.87
C ASP B 22 -10.28 -11.22 18.91
N PHE B 23 -11.39 -10.79 18.29
CA PHE B 23 -11.82 -9.40 18.39
C PHE B 23 -12.05 -9.06 19.86
N GLY B 24 -11.28 -8.10 20.37
CA GLY B 24 -11.36 -7.74 21.77
C GLY B 24 -10.68 -8.70 22.71
N GLY B 25 -9.75 -9.51 22.21
CA GLY B 25 -9.13 -10.57 22.97
C GLY B 25 -7.66 -10.37 23.32
N SER B 26 -6.87 -11.44 23.22
CA SER B 26 -5.57 -11.48 23.87
C SER B 26 -4.58 -10.45 23.32
N LEU B 27 -4.72 -10.10 22.04
CA LEU B 27 -3.80 -9.16 21.41
C LEU B 27 -4.41 -7.78 21.26
N LYS B 28 -5.49 -7.48 21.98
CA LYS B 28 -6.14 -6.21 21.77
C LYS B 28 -5.26 -5.04 22.16
N ASP B 29 -4.24 -5.25 22.99
CA ASP B 29 -3.36 -4.17 23.45
C ASP B 29 -2.05 -4.10 22.68
N PHE B 30 -1.95 -4.75 21.55
CA PHE B 30 -0.74 -4.74 20.76
C PHE B 30 -1.01 -4.05 19.44
N SER B 31 -0.42 -2.87 19.25
CA SER B 31 -0.66 -2.17 18.01
C SER B 31 -0.14 -2.96 16.80
N PRO B 32 -0.60 -2.60 15.62
CA PRO B 32 -0.10 -3.31 14.42
C PRO B 32 1.40 -3.18 14.19
N THR B 33 2.00 -2.00 14.46
CA THR B 33 3.43 -1.88 14.28
C THR B 33 4.20 -2.67 15.34
N ASP B 34 3.61 -2.82 16.54
CA ASP B 34 4.22 -3.67 17.57
C ASP B 34 4.25 -5.13 17.10
N LEU B 35 3.13 -5.65 16.63
CA LEU B 35 3.11 -7.04 16.17
C LEU B 35 4.01 -7.21 14.95
N GLY B 36 4.05 -6.18 14.08
CA GLY B 36 4.90 -6.26 12.90
C GLY B 36 6.39 -6.32 13.27
N ALA B 37 6.80 -5.47 14.22
CA ALA B 37 8.19 -5.49 14.67
C ALA B 37 8.55 -6.86 15.27
N LYS B 38 7.66 -7.42 16.09
CA LYS B 38 7.91 -8.76 16.63
C LYS B 38 8.16 -9.78 15.51
N VAL B 39 7.28 -9.84 14.50
CA VAL B 39 7.49 -10.91 13.53
C VAL B 39 8.74 -10.61 12.68
N VAL B 40 9.07 -9.33 12.47
CA VAL B 40 10.31 -9.02 11.73
C VAL B 40 11.53 -9.57 12.47
N SER B 41 11.65 -9.25 13.78
CA SER B 41 12.85 -9.61 14.53
C SER B 41 13.03 -11.12 14.58
N GLU B 42 11.92 -11.82 14.79
CA GLU B 42 11.93 -13.27 14.83
C GLU B 42 12.31 -13.90 13.49
N VAL B 43 11.82 -13.38 12.32
CA VAL B 43 12.19 -14.06 11.08
C VAL B 43 13.66 -13.82 10.74
N LEU B 44 14.16 -12.62 11.04
CA LEU B 44 15.59 -12.40 10.92
C LEU B 44 16.36 -13.44 11.74
N SER B 45 15.92 -13.69 12.96
CA SER B 45 16.75 -14.56 13.76
C SER B 45 16.56 -16.01 13.33
N ARG B 46 15.36 -16.41 12.87
CA ARG B 46 15.18 -17.78 12.37
C ARG B 46 16.01 -18.01 11.11
N ALA B 47 16.16 -16.99 10.27
CA ALA B 47 17.00 -17.11 9.08
C ALA B 47 18.46 -16.83 9.38
N ASN B 48 18.76 -16.36 10.57
CA ASN B 48 20.13 -16.03 10.93
C ASN B 48 20.72 -14.98 10.00
N VAL B 49 19.92 -13.96 9.68
CA VAL B 49 20.30 -12.89 8.77
C VAL B 49 20.45 -11.58 9.53
N SER B 50 21.57 -10.90 9.35
CA SER B 50 21.79 -9.60 9.95
C SER B 50 20.73 -8.62 9.48
N GLY B 51 20.24 -7.79 10.40
CA GLY B 51 19.33 -6.72 10.02
C GLY B 51 19.95 -5.67 9.14
N ASP B 52 21.27 -5.72 8.96
CA ASP B 52 22.01 -4.87 8.05
C ASP B 52 22.04 -5.42 6.63
N ALA B 53 21.52 -6.63 6.39
CA ALA B 53 21.62 -7.28 5.10
C ALA B 53 20.31 -7.39 4.34
N VAL B 54 19.30 -6.60 4.69
CA VAL B 54 17.96 -6.74 4.11
C VAL B 54 17.79 -5.68 3.03
N GLY B 55 17.41 -6.08 1.82
CA GLY B 55 17.25 -5.10 0.75
C GLY B 55 15.89 -4.41 0.65
N HIS B 56 14.86 -5.02 1.20
CA HIS B 56 13.52 -4.44 1.12
C HIS B 56 12.62 -5.09 2.14
N VAL B 57 11.73 -4.28 2.72
CA VAL B 57 10.66 -4.78 3.59
C VAL B 57 9.34 -4.32 2.99
N VAL B 58 8.40 -5.26 2.84
CA VAL B 58 7.05 -4.97 2.37
C VAL B 58 6.06 -5.61 3.33
N PHE B 59 5.11 -4.84 3.83
CA PHE B 59 4.08 -5.37 4.72
C PHE B 59 2.67 -4.98 4.22
N GLY B 60 1.73 -5.93 4.31
CA GLY B 60 0.32 -5.65 4.02
C GLY B 60 -0.39 -5.30 5.32
N HIS B 61 -1.35 -4.36 5.20
CA HIS B 61 -2.05 -3.79 6.35
C HIS B 61 -3.22 -2.98 5.80
N VAL B 62 -4.43 -3.12 6.33
CA VAL B 62 -5.59 -2.48 5.72
C VAL B 62 -6.15 -1.33 6.57
N VAL B 63 -6.35 -1.53 7.87
CA VAL B 63 -7.08 -0.56 8.69
C VAL B 63 -6.09 0.19 9.57
N ASN B 64 -5.83 1.46 9.27
CA ASN B 64 -4.95 2.28 10.10
C ASN B 64 -5.62 2.52 11.44
N THR B 65 -4.95 2.18 12.54
CA THR B 65 -5.49 2.34 13.89
C THR B 65 -4.98 3.59 14.59
N GLU B 66 -3.87 4.16 14.10
CA GLU B 66 -3.24 5.35 14.65
C GLU B 66 -2.25 5.93 13.64
N PRO B 67 -1.74 7.16 13.84
CA PRO B 67 -0.87 7.76 12.81
C PRO B 67 0.33 6.88 12.43
N LYS B 68 0.96 6.23 13.40
CA LYS B 68 2.12 5.38 13.13
C LYS B 68 1.86 4.32 12.07
N ASP B 69 0.61 3.87 11.95
CA ASP B 69 0.30 2.82 11.00
C ASP B 69 0.49 3.30 9.56
N MET B 70 0.47 4.61 9.30
CA MET B 70 0.74 5.01 7.93
C MET B 70 2.21 4.79 7.59
N TYR B 71 3.03 4.41 8.58
CA TYR B 71 4.46 4.10 8.47
C TYR B 71 4.74 2.61 8.71
N LEU B 72 3.73 1.75 8.56
CA LEU B 72 3.74 0.48 9.26
C LEU B 72 4.98 -0.32 8.91
N ALA B 73 5.21 -0.56 7.62
CA ALA B 73 6.36 -1.36 7.19
C ALA B 73 7.67 -0.80 7.74
N ARG B 74 7.84 0.52 7.65
CA ARG B 74 9.05 1.17 8.11
C ARG B 74 9.21 1.02 9.62
N VAL B 75 8.10 1.16 10.36
CA VAL B 75 8.22 1.05 11.82
C VAL B 75 8.48 -0.39 12.23
N ALA B 76 7.72 -1.32 11.63
CA ALA B 76 7.97 -2.73 11.82
C ALA B 76 9.43 -3.10 11.53
N ALA B 77 9.99 -2.55 10.45
CA ALA B 77 11.36 -2.92 10.09
C ALA B 77 12.34 -2.34 11.10
N ILE B 78 12.22 -1.04 11.41
CA ILE B 78 13.20 -0.40 12.28
C ILE B 78 13.13 -0.99 13.68
N ASN B 79 11.92 -1.04 14.27
CA ASN B 79 11.81 -1.58 15.61
C ASN B 79 12.03 -3.06 15.66
N GLY B 80 11.91 -3.76 14.54
CA GLY B 80 12.29 -5.15 14.48
C GLY B 80 13.76 -5.40 14.23
N GLY B 81 14.56 -4.35 14.10
CA GLY B 81 16.00 -4.47 14.02
C GLY B 81 16.56 -4.45 12.64
N VAL B 82 15.79 -4.03 11.64
CA VAL B 82 16.32 -3.86 10.30
C VAL B 82 17.00 -2.52 10.23
N ALA B 83 18.16 -2.50 9.58
CA ALA B 83 18.93 -1.28 9.49
C ALA B 83 18.14 -0.20 8.79
N GLN B 84 18.39 1.04 9.19
CA GLN B 84 17.66 2.16 8.61
C GLN B 84 17.89 2.32 7.10
N HIS B 85 18.94 1.70 6.54
CA HIS B 85 19.16 1.94 5.11
C HIS B 85 18.25 1.09 4.21
N THR B 86 17.39 0.25 4.77
CA THR B 86 16.48 -0.62 4.02
C THR B 86 15.18 0.10 3.69
N PRO B 87 14.82 0.23 2.40
CA PRO B 87 13.49 0.74 2.06
C PRO B 87 12.38 -0.14 2.61
N ALA B 88 11.23 0.49 2.87
CA ALA B 88 10.10 -0.21 3.49
C ALA B 88 8.79 0.30 2.90
N LEU B 89 7.92 -0.66 2.49
CA LEU B 89 6.69 -0.33 1.77
C LEU B 89 5.48 -0.97 2.41
N THR B 90 4.37 -0.22 2.53
CA THR B 90 3.10 -0.76 3.01
C THR B 90 2.17 -0.89 1.79
N VAL B 91 1.54 -2.07 1.64
CA VAL B 91 0.64 -2.38 0.53
C VAL B 91 -0.72 -2.73 1.07
N ASN B 92 -1.79 -2.36 0.31
CA ASN B 92 -3.18 -2.67 0.65
C ASN B 92 -3.86 -3.22 -0.60
N ARG B 93 -4.06 -4.54 -0.61
CA ARG B 93 -4.95 -5.24 -1.53
C ARG B 93 -6.02 -5.94 -0.69
N LEU B 94 -6.63 -5.20 0.25
CA LEU B 94 -7.63 -5.73 1.21
C LEU B 94 -7.19 -7.11 1.72
N CYS B 95 -8.07 -8.13 1.65
CA CYS B 95 -7.84 -9.40 2.33
C CYS B 95 -6.63 -10.14 1.75
N GLY B 96 -6.20 -9.81 0.54
CA GLY B 96 -5.00 -10.38 -0.04
C GLY B 96 -3.69 -9.63 0.27
N SER B 97 -3.76 -8.58 1.11
CA SER B 97 -2.59 -7.71 1.33
C SER B 97 -1.38 -8.49 1.84
N GLY B 98 -1.61 -9.43 2.77
CA GLY B 98 -0.55 -10.26 3.29
C GLY B 98 0.19 -11.05 2.22
N LEU B 99 -0.51 -11.66 1.26
CA LEU B 99 0.19 -12.41 0.22
C LEU B 99 0.80 -11.44 -0.79
N GLN B 100 0.09 -10.36 -1.09
CA GLN B 100 0.66 -9.31 -1.93
C GLN B 100 2.03 -8.83 -1.42
N ALA B 101 2.13 -8.58 -0.12
CA ALA B 101 3.41 -8.09 0.39
C ALA B 101 4.53 -9.08 0.09
N ILE B 102 4.22 -10.38 0.19
CA ILE B 102 5.19 -11.41 -0.15
C ILE B 102 5.54 -11.37 -1.63
N VAL B 103 4.51 -11.24 -2.49
CA VAL B 103 4.77 -11.13 -3.93
C VAL B 103 5.61 -9.90 -4.23
N SER B 104 5.21 -8.76 -3.68
CA SER B 104 5.93 -7.51 -3.94
C SER B 104 7.40 -7.63 -3.49
N ALA B 105 7.63 -8.21 -2.31
CA ALA B 105 9.00 -8.41 -1.85
C ALA B 105 9.74 -9.40 -2.73
N ALA B 106 9.07 -10.47 -3.17
CA ALA B 106 9.71 -11.39 -4.11
C ALA B 106 10.03 -10.72 -5.43
N GLN B 107 9.25 -9.75 -5.85
CA GLN B 107 9.54 -9.06 -7.11
C GLN B 107 10.85 -8.27 -7.02
N THR B 108 11.14 -7.66 -5.86
CA THR B 108 12.42 -6.96 -5.76
C THR B 108 13.58 -7.94 -5.97
N ILE B 109 13.44 -9.19 -5.53
CA ILE B 109 14.49 -10.20 -5.74
C ILE B 109 14.51 -10.68 -7.20
N MET B 110 13.33 -10.97 -7.78
CA MET B 110 13.27 -11.40 -9.17
C MET B 110 13.93 -10.38 -10.12
N LEU B 111 13.77 -9.09 -9.84
CA LEU B 111 14.31 -8.04 -10.71
C LEU B 111 15.74 -7.63 -10.34
N GLY B 112 16.39 -8.31 -9.39
CA GLY B 112 17.76 -7.99 -8.99
C GLY B 112 17.92 -6.69 -8.25
N ASP B 113 16.83 -6.12 -7.73
CA ASP B 113 16.90 -4.92 -6.90
C ASP B 113 17.31 -5.25 -5.47
N ALA B 114 17.19 -6.51 -5.07
CA ALA B 114 17.57 -6.90 -3.73
C ALA B 114 17.93 -8.38 -3.74
N ASP B 115 18.85 -8.74 -2.86
CA ASP B 115 19.19 -10.14 -2.59
C ASP B 115 18.40 -10.71 -1.44
N VAL B 116 17.91 -9.87 -0.53
CA VAL B 116 17.19 -10.30 0.66
C VAL B 116 15.96 -9.41 0.81
N ALA B 117 14.82 -10.00 1.13
CA ALA B 117 13.62 -9.19 1.28
C ALA B 117 12.71 -9.81 2.31
N ILE B 118 12.03 -8.98 3.08
CA ILE B 118 11.07 -9.50 4.04
C ILE B 118 9.67 -9.15 3.54
N GLY B 119 8.78 -10.16 3.60
CA GLY B 119 7.40 -9.87 3.30
C GLY B 119 6.44 -10.36 4.35
N GLY B 120 5.46 -9.54 4.71
CA GLY B 120 4.67 -9.80 5.89
C GLY B 120 3.36 -9.04 5.86
N GLY B 121 2.59 -9.22 6.92
CA GLY B 121 1.32 -8.53 7.08
C GLY B 121 1.04 -8.35 8.56
N SER B 122 0.31 -7.31 8.90
CA SER B 122 -0.07 -7.06 10.29
C SER B 122 -1.40 -6.34 10.36
N GLU B 123 -2.27 -6.83 11.25
CA GLU B 123 -3.59 -6.22 11.40
C GLU B 123 -4.07 -6.37 12.83
N ASN B 124 -4.59 -5.29 13.41
CA ASN B 124 -5.32 -5.39 14.68
C ASN B 124 -6.70 -4.74 14.53
N MET B 125 -7.70 -5.58 14.23
CA MET B 125 -9.09 -5.13 14.08
C MET B 125 -9.70 -4.68 15.39
N SER B 126 -9.34 -5.32 16.51
CA SER B 126 -9.79 -4.81 17.81
C SER B 126 -9.53 -3.30 17.93
N ARG B 127 -8.38 -2.84 17.41
CA ARG B 127 -7.94 -1.43 17.51
C ARG B 127 -8.40 -0.57 16.34
N ALA B 128 -9.12 -1.14 15.39
CA ALA B 128 -9.74 -0.36 14.34
C ALA B 128 -10.47 0.85 14.93
N PRO B 129 -10.24 2.05 14.41
CA PRO B 129 -10.83 3.24 15.01
C PRO B 129 -12.19 3.59 14.40
N TYR B 130 -12.83 4.55 15.05
CA TYR B 130 -13.91 5.35 14.51
C TYR B 130 -13.32 6.66 14.01
N THR B 131 -13.82 7.15 12.88
CA THR B 131 -13.42 8.46 12.40
C THR B 131 -14.56 9.45 12.52
N VAL B 132 -14.22 10.73 12.46
CA VAL B 132 -15.17 11.84 12.44
C VAL B 132 -14.87 12.70 11.22
N PRO B 133 -15.55 12.50 10.08
CA PRO B 133 -15.16 13.25 8.87
C PRO B 133 -15.51 14.73 8.93
N SER B 134 -16.45 15.14 9.81
CA SER B 134 -16.81 16.55 9.95
C SER B 134 -15.92 17.31 10.95
N ALA B 135 -14.94 16.66 11.56
CA ALA B 135 -14.30 17.26 12.74
C ALA B 135 -13.28 18.36 12.38
N ARG B 136 -12.64 18.24 11.21
CA ARG B 136 -11.63 19.22 10.80
C ARG B 136 -12.26 20.58 10.50
N PHE B 137 -13.26 20.62 9.59
CA PHE B 137 -13.87 21.90 9.25
C PHE B 137 -15.23 22.09 9.90
N GLY B 138 -15.70 21.14 10.68
CA GLY B 138 -16.88 21.35 11.48
C GLY B 138 -18.15 20.89 10.76
N GLN B 139 -19.19 20.58 11.60
CA GLN B 139 -20.48 20.13 11.12
C GLN B 139 -21.44 21.28 10.99
N ARG B 140 -21.32 22.25 11.89
CA ARG B 140 -22.05 23.52 11.82
C ARG B 140 -23.47 23.39 12.36
N MET B 141 -24.23 22.46 11.81
CA MET B 141 -25.63 22.28 12.20
C MET B 141 -25.99 20.85 11.84
N GLY B 142 -26.72 20.19 12.72
CA GLY B 142 -27.24 18.86 12.47
C GLY B 142 -26.33 17.79 13.04
N ASP B 143 -26.92 16.62 13.32
CA ASP B 143 -26.15 15.54 13.89
C ASP B 143 -25.08 15.10 12.89
N ALA B 144 -23.96 14.62 13.37
CA ALA B 144 -22.86 14.21 12.51
C ALA B 144 -22.59 12.71 12.71
N LYS B 145 -21.75 12.13 11.90
CA LYS B 145 -21.50 10.70 12.04
C LYS B 145 -20.13 10.43 12.66
N LEU B 146 -20.12 9.43 13.52
CA LEU B 146 -18.92 8.74 13.96
C LEU B 146 -18.82 7.44 13.17
N VAL B 147 -17.84 7.35 12.29
CA VAL B 147 -17.80 6.28 11.29
C VAL B 147 -16.94 5.11 11.74
N ASP B 148 -17.51 3.90 11.70
CA ASP B 148 -16.81 2.67 12.08
C ASP B 148 -15.92 2.22 10.94
N MET B 149 -14.60 2.38 11.08
CA MET B 149 -13.70 2.09 9.97
C MET B 149 -13.50 0.59 9.77
N MET B 150 -13.77 -0.20 10.79
CA MET B 150 -13.70 -1.65 10.68
C MET B 150 -14.87 -2.18 9.86
N LEU B 151 -16.09 -1.82 10.24
CA LEU B 151 -17.25 -2.18 9.46
C LEU B 151 -17.17 -1.63 8.05
N GLY B 152 -16.67 -0.39 7.91
CA GLY B 152 -16.49 0.19 6.58
C GLY B 152 -15.49 -0.57 5.72
N ALA B 153 -14.41 -1.07 6.33
CA ALA B 153 -13.49 -1.96 5.62
C ALA B 153 -14.19 -3.24 5.16
N LEU B 154 -15.20 -3.70 5.89
CA LEU B 154 -15.89 -4.93 5.53
C LEU B 154 -17.08 -4.69 4.61
N HIS B 155 -17.27 -3.48 4.10
CA HIS B 155 -18.34 -3.18 3.16
C HIS B 155 -17.77 -2.98 1.76
N ASP B 156 -18.43 -3.58 0.79
CA ASP B 156 -18.10 -3.35 -0.61
C ASP B 156 -18.30 -1.88 -0.93
N PRO B 157 -17.34 -1.22 -1.59
CA PRO B 157 -17.47 0.23 -1.77
C PRO B 157 -18.37 0.60 -2.92
N PHE B 158 -18.80 -0.33 -3.75
CA PHE B 158 -19.61 -0.03 -4.91
C PHE B 158 -21.10 -0.07 -4.61
N GLN B 159 -21.59 -1.12 -3.96
CA GLN B 159 -22.97 -1.23 -3.56
C GLN B 159 -23.20 -1.02 -2.06
N THR B 160 -22.15 -0.76 -1.28
CA THR B 160 -22.27 -0.55 0.16
C THR B 160 -23.06 -1.68 0.81
N ILE B 161 -22.64 -2.89 0.54
CA ILE B 161 -23.21 -4.09 1.14
C ILE B 161 -22.09 -4.76 1.92
N HIS B 162 -22.45 -5.48 2.98
CA HIS B 162 -21.45 -6.24 3.73
C HIS B 162 -20.88 -7.34 2.84
N MET B 163 -19.58 -7.61 3.04
CA MET B 163 -18.93 -8.75 2.37
C MET B 163 -19.79 -10.01 2.49
N GLY B 164 -20.54 -10.14 3.59
CA GLY B 164 -21.43 -11.28 3.78
C GLY B 164 -22.52 -11.40 2.74
N VAL B 165 -23.06 -10.26 2.28
CA VAL B 165 -24.05 -10.28 1.20
C VAL B 165 -23.42 -10.84 -0.09
N THR B 166 -22.14 -10.46 -0.38
CA THR B 166 -21.48 -11.05 -1.54
C THR B 166 -21.28 -12.55 -1.35
N ALA B 167 -21.12 -13.02 -0.11
CA ALA B 167 -21.09 -14.46 0.18
C ALA B 167 -22.44 -15.11 -0.13
N GLU B 168 -23.56 -14.43 0.17
CA GLU B 168 -24.87 -14.99 -0.20
C GLU B 168 -25.03 -15.07 -1.71
N ASN B 169 -24.59 -14.02 -2.41
CA ASN B 169 -24.58 -14.05 -3.88
C ASN B 169 -23.82 -15.28 -4.40
N VAL B 170 -22.64 -15.52 -3.85
CA VAL B 170 -21.83 -16.66 -4.30
C VAL B 170 -22.55 -17.98 -3.97
N ALA B 171 -23.24 -18.04 -2.82
CA ALA B 171 -23.97 -19.27 -2.47
C ALA B 171 -25.11 -19.54 -3.45
N ARG B 172 -25.87 -18.49 -3.81
CA ARG B 172 -26.89 -18.62 -4.83
C ARG B 172 -26.28 -19.13 -6.14
N LYS B 173 -25.36 -18.38 -6.74
CA LYS B 173 -24.88 -18.69 -8.09
C LYS B 173 -24.25 -20.08 -8.19
N TYR B 174 -23.61 -20.57 -7.13
CA TYR B 174 -22.85 -21.82 -7.22
C TYR B 174 -23.49 -22.99 -6.45
N GLY B 175 -24.67 -22.81 -5.88
CA GLY B 175 -25.39 -23.93 -5.31
C GLY B 175 -24.81 -24.42 -4.01
N ILE B 176 -24.32 -23.50 -3.17
CA ILE B 176 -23.77 -23.84 -1.88
C ILE B 176 -24.90 -23.74 -0.86
N THR B 177 -25.38 -24.89 -0.39
CA THR B 177 -26.48 -24.94 0.56
C THR B 177 -26.02 -24.54 1.97
N ARG B 178 -26.98 -24.16 2.81
CA ARG B 178 -26.70 -23.93 4.22
C ARG B 178 -26.08 -25.16 4.87
N ASP B 179 -26.59 -26.37 4.53
CA ASP B 179 -26.00 -27.58 5.09
C ASP B 179 -24.54 -27.73 4.66
N ALA B 180 -24.24 -27.44 3.39
CA ALA B 180 -22.88 -27.57 2.90
C ALA B 180 -21.95 -26.63 3.65
N GLN B 181 -22.43 -25.43 3.95
CA GLN B 181 -21.63 -24.41 4.63
C GLN B 181 -21.29 -24.83 6.06
N ASP B 182 -22.30 -25.18 6.86
CA ASP B 182 -22.07 -25.60 8.23
C ASP B 182 -21.22 -26.86 8.30
N ALA B 183 -21.31 -27.73 7.28
CA ALA B 183 -20.44 -28.90 7.24
C ALA B 183 -18.99 -28.47 7.12
N LEU B 184 -18.69 -27.53 6.21
CA LEU B 184 -17.32 -27.03 6.14
C LEU B 184 -16.91 -26.34 7.44
N ALA B 185 -17.80 -25.50 7.98
CA ALA B 185 -17.50 -24.77 9.21
C ALA B 185 -17.16 -25.73 10.35
N LEU B 186 -17.97 -26.76 10.55
CA LEU B 186 -17.70 -27.73 11.61
C LEU B 186 -16.33 -28.38 11.41
N GLU B 187 -16.11 -28.96 10.22
CA GLU B 187 -14.84 -29.62 9.93
C GLU B 187 -13.66 -28.66 10.10
N SER B 188 -13.77 -27.42 9.64
CA SER B 188 -12.67 -26.48 9.85
C SER B 188 -12.30 -26.40 11.32
N HIS B 189 -13.28 -26.41 12.21
CA HIS B 189 -12.97 -26.30 13.63
C HIS B 189 -12.36 -27.60 14.17
N ARG B 190 -12.80 -28.75 13.68
CA ARG B 190 -12.22 -29.99 14.15
C ARG B 190 -10.78 -30.14 13.66
N ARG B 191 -10.53 -29.84 12.39
CA ARG B 191 -9.16 -29.85 11.91
C ARG B 191 -8.26 -28.91 12.74
N ALA B 192 -8.76 -27.72 13.08
CA ALA B 192 -7.94 -26.78 13.84
C ALA B 192 -7.65 -27.32 15.25
N ALA B 193 -8.71 -27.72 15.96
CA ALA B 193 -8.54 -28.29 17.30
C ALA B 193 -7.63 -29.50 17.27
N ARG B 194 -7.74 -30.28 16.20
CA ARG B 194 -6.88 -31.45 16.04
C ARG B 194 -5.44 -31.01 15.78
N ALA B 195 -5.25 -29.97 14.98
CA ALA B 195 -3.90 -29.46 14.73
C ALA B 195 -3.30 -28.86 15.99
N ILE B 196 -4.11 -28.14 16.77
CA ILE B 196 -3.60 -27.55 18.00
C ILE B 196 -3.17 -28.62 18.97
N ALA B 197 -3.90 -29.74 19.00
CA ALA B 197 -3.62 -30.78 19.98
C ALA B 197 -2.38 -31.58 19.60
N GLU B 198 -2.20 -31.86 18.32
CA GLU B 198 -0.99 -32.55 17.90
C GLU B 198 0.22 -31.63 17.89
N GLY B 199 0.03 -30.33 18.08
CA GLY B 199 1.12 -29.40 18.08
C GLY B 199 1.59 -28.92 16.71
N ARG B 200 0.77 -29.08 15.67
CA ARG B 200 1.23 -28.73 14.33
C ARG B 200 1.66 -27.29 14.23
N PHE B 201 1.09 -26.43 15.04
CA PHE B 201 1.34 -25.00 14.91
C PHE B 201 2.49 -24.50 15.78
N LYS B 202 3.09 -25.36 16.59
CA LYS B 202 4.03 -24.90 17.61
C LYS B 202 5.21 -24.16 16.99
N ASP B 203 5.85 -24.79 16.00
CA ASP B 203 7.10 -24.26 15.46
C ASP B 203 6.89 -22.98 14.67
N GLN B 204 5.72 -22.81 14.06
CA GLN B 204 5.48 -21.62 13.24
C GLN B 204 4.98 -20.43 14.05
N ILE B 205 4.64 -20.62 15.31
CA ILE B 205 4.01 -19.57 16.10
C ILE B 205 5.04 -18.94 17.01
N LEU B 206 5.05 -17.61 17.04
CA LEU B 206 5.87 -16.86 17.98
C LEU B 206 5.00 -16.54 19.19
N PRO B 207 5.28 -17.12 20.36
CA PRO B 207 4.52 -16.74 21.56
C PRO B 207 4.68 -15.26 21.87
N ILE B 208 3.63 -14.67 22.43
CA ILE B 208 3.66 -13.29 22.88
C ILE B 208 3.20 -13.26 24.32
N SER B 209 4.01 -12.67 25.19
CA SER B 209 3.70 -12.57 26.61
C SER B 209 2.63 -11.50 26.81
N ILE B 210 1.50 -11.88 27.42
CA ILE B 210 0.39 -10.93 27.54
C ILE B 210 0.08 -10.66 28.99
N ARG B 211 0.90 -9.84 29.64
CA ARG B 211 0.49 -8.98 30.74
C ARG B 211 -0.94 -9.21 31.24
N THR B 212 -1.09 -9.95 32.34
CA THR B 212 -2.38 -10.06 33.02
C THR B 212 -2.20 -9.76 34.51
N LYS B 213 -3.32 -9.44 35.17
CA LYS B 213 -3.28 -9.21 36.62
C LYS B 213 -2.89 -10.49 37.37
N LYS B 214 -3.21 -11.64 36.79
CA LYS B 214 -2.81 -12.95 37.30
C LYS B 214 -1.31 -13.20 37.19
N GLY B 215 -0.58 -12.38 36.44
CA GLY B 215 0.85 -12.52 36.22
C GLY B 215 1.14 -12.52 34.74
N GLU B 216 2.33 -12.98 34.39
CA GLU B 216 2.75 -13.13 33.01
C GLU B 216 2.16 -14.43 32.46
N VAL B 217 1.54 -14.35 31.28
CA VAL B 217 1.00 -15.53 30.61
C VAL B 217 1.34 -15.47 29.13
N ALA B 218 1.67 -16.62 28.55
CA ALA B 218 2.13 -16.66 27.16
C ALA B 218 0.95 -16.97 26.24
N PHE B 219 0.78 -16.15 25.24
CA PHE B 219 -0.28 -16.34 24.26
C PHE B 219 0.32 -17.04 23.04
N ASP B 220 0.01 -18.33 22.87
CA ASP B 220 0.63 -19.10 21.80
C ASP B 220 -0.36 -20.02 21.12
N THR B 221 -1.66 -19.84 21.34
CA THR B 221 -2.67 -20.72 20.80
C THR B 221 -3.79 -19.90 20.19
N ASP B 222 -4.15 -20.25 18.95
CA ASP B 222 -5.22 -19.57 18.23
C ASP B 222 -6.55 -19.71 18.97
N GLU B 223 -7.10 -18.61 19.48
CA GLU B 223 -8.17 -18.66 20.46
C GLU B 223 -9.57 -18.63 19.87
N HIS B 224 -9.72 -18.49 18.57
CA HIS B 224 -11.04 -18.52 17.96
C HIS B 224 -11.60 -19.94 17.91
N VAL B 225 -10.78 -20.95 18.11
CA VAL B 225 -11.18 -22.33 17.85
C VAL B 225 -12.11 -22.81 18.96
N ARG B 226 -13.24 -23.38 18.54
CA ARG B 226 -14.15 -24.11 19.42
C ARG B 226 -13.66 -25.56 19.47
N HIS B 227 -13.15 -25.99 20.63
CA HIS B 227 -12.62 -27.35 20.74
C HIS B 227 -13.69 -28.40 21.01
N ASP B 228 -14.91 -27.99 21.33
CA ASP B 228 -15.99 -28.89 21.70
C ASP B 228 -17.08 -28.92 20.64
N ALA B 229 -16.73 -28.61 19.39
CA ALA B 229 -17.73 -28.28 18.40
C ALA B 229 -18.45 -29.54 17.91
N GLY B 230 -19.78 -29.42 17.77
CA GLY B 230 -20.60 -30.39 17.08
C GLY B 230 -21.51 -29.70 16.08
N PRO B 231 -22.10 -30.47 15.15
CA PRO B 231 -22.89 -29.81 14.08
C PRO B 231 -24.02 -28.97 14.62
N ASP B 232 -24.49 -29.29 15.84
CA ASP B 232 -25.63 -28.58 16.42
C ASP B 232 -25.31 -27.11 16.70
N ASP B 233 -24.06 -26.78 17.02
CA ASP B 233 -23.73 -25.38 17.32
C ASP B 233 -23.84 -24.47 16.10
N PHE B 234 -23.84 -25.04 14.89
CA PHE B 234 -23.94 -24.29 13.65
C PHE B 234 -25.36 -24.25 13.10
N THR B 235 -26.11 -25.35 13.14
CA THR B 235 -27.46 -25.33 12.58
C THR B 235 -28.42 -24.50 13.42
N LYS B 236 -28.09 -24.25 14.70
CA LYS B 236 -28.95 -23.46 15.58
C LYS B 236 -28.85 -21.96 15.29
N LEU B 237 -27.65 -21.47 14.96
CA LEU B 237 -27.51 -20.11 14.48
C LEU B 237 -28.29 -19.94 13.19
N LYS B 238 -28.70 -18.72 12.89
CA LYS B 238 -29.41 -18.44 11.65
C LYS B 238 -28.86 -17.17 11.01
N PRO B 239 -29.18 -16.92 9.71
CA PRO B 239 -28.40 -15.95 8.93
C PRO B 239 -28.36 -14.57 9.56
N VAL B 240 -27.36 -13.75 9.13
CA VAL B 240 -27.18 -12.43 9.73
C VAL B 240 -26.94 -11.32 8.70
N PHE B 241 -26.88 -11.69 7.41
CA PHE B 241 -26.54 -10.71 6.37
C PHE B 241 -27.66 -10.42 5.39
N VAL B 242 -28.64 -11.33 5.25
CA VAL B 242 -29.90 -11.06 4.55
C VAL B 242 -31.01 -11.59 5.44
N LYS B 243 -32.07 -10.79 5.60
CA LYS B 243 -33.10 -11.14 6.58
C LYS B 243 -33.79 -12.43 6.19
N GLU B 244 -34.25 -12.52 4.95
CA GLU B 244 -34.98 -13.68 4.47
C GLU B 244 -34.21 -14.34 3.32
N ASP B 245 -34.35 -15.66 3.23
CA ASP B 245 -33.71 -16.47 2.20
C ASP B 245 -32.20 -16.38 2.33
N GLY B 246 -31.71 -16.47 3.57
CA GLY B 246 -30.30 -16.36 3.86
C GLY B 246 -29.69 -17.70 4.20
N THR B 247 -28.35 -17.72 4.22
CA THR B 247 -27.57 -18.90 4.58
C THR B 247 -26.28 -18.61 5.35
N VAL B 248 -25.69 -17.41 5.24
CA VAL B 248 -24.45 -17.10 5.94
C VAL B 248 -24.80 -16.63 7.35
N THR B 249 -24.16 -17.25 8.33
CA THR B 249 -24.36 -16.99 9.74
C THR B 249 -23.04 -16.61 10.40
N ALA B 250 -23.09 -16.27 11.68
CA ALA B 250 -21.85 -15.99 12.40
C ALA B 250 -20.96 -17.22 12.53
N GLY B 251 -21.53 -18.42 12.43
CA GLY B 251 -20.80 -19.65 12.66
C GLY B 251 -20.07 -20.20 11.45
N ASN B 252 -20.64 -20.00 10.24
CA ASN B 252 -20.02 -20.43 9.00
C ASN B 252 -19.31 -19.30 8.27
N ALA B 253 -19.17 -18.14 8.90
CA ALA B 253 -18.33 -17.03 8.41
C ALA B 253 -17.10 -16.87 9.28
N SER B 254 -16.01 -16.36 8.69
CA SER B 254 -14.79 -16.18 9.47
C SER B 254 -15.02 -15.13 10.54
N GLY B 255 -14.15 -15.11 11.55
CA GLY B 255 -14.12 -14.02 12.50
C GLY B 255 -13.32 -12.87 11.90
N ILE B 256 -13.25 -11.76 12.63
CA ILE B 256 -12.27 -10.73 12.34
C ILE B 256 -11.34 -10.64 13.55
N ASN B 257 -10.04 -10.51 13.29
CA ASN B 257 -9.06 -10.93 14.28
C ASN B 257 -7.80 -10.07 14.20
N ASP B 258 -6.89 -10.31 15.14
CA ASP B 258 -5.65 -9.57 15.30
C ASP B 258 -4.47 -10.52 15.18
N ALA B 259 -3.49 -10.19 14.34
CA ALA B 259 -2.36 -11.08 14.15
C ALA B 259 -1.32 -10.43 13.24
N ALA B 260 -0.12 -11.03 13.22
CA ALA B 260 0.95 -10.65 12.29
C ALA B 260 1.73 -11.89 11.83
N ALA B 261 2.35 -11.77 10.67
CA ALA B 261 3.17 -12.86 10.13
C ALA B 261 4.20 -12.31 9.13
N ALA B 262 5.25 -13.10 8.87
CA ALA B 262 6.25 -12.64 7.92
C ALA B 262 7.09 -13.80 7.42
N VAL B 263 7.68 -13.63 6.23
CA VAL B 263 8.66 -14.57 5.70
C VAL B 263 9.88 -13.76 5.27
N LEU B 264 11.05 -14.39 5.33
CA LEU B 264 12.27 -13.78 4.80
C LEU B 264 12.68 -14.57 3.57
N MET B 265 13.02 -13.88 2.51
CA MET B 265 13.33 -14.50 1.24
C MET B 265 14.68 -14.00 0.76
N MET B 266 15.29 -14.81 -0.09
CA MET B 266 16.58 -14.51 -0.67
C MET B 266 16.60 -15.00 -2.11
N SER B 267 17.46 -14.36 -2.92
CA SER B 267 17.83 -14.93 -4.21
C SER B 267 18.43 -16.32 -3.97
N ALA B 268 18.36 -17.15 -5.01
CA ALA B 268 18.93 -18.49 -4.95
C ALA B 268 20.41 -18.43 -4.64
N ASP B 269 21.14 -17.56 -5.33
CA ASP B 269 22.57 -17.42 -5.07
C ASP B 269 22.84 -17.08 -3.62
N ALA B 270 22.18 -16.02 -3.11
CA ALA B 270 22.43 -15.58 -1.73
C ALA B 270 22.15 -16.68 -0.72
N ALA B 271 21.08 -17.46 -0.94
CA ALA B 271 20.75 -18.52 0.01
C ALA B 271 21.82 -19.59 0.01
N ARG B 272 22.32 -19.94 -1.18
CA ARG B 272 23.41 -20.91 -1.29
C ARG B 272 24.65 -20.44 -0.54
N ALA B 273 25.02 -19.17 -0.74
CA ALA B 273 26.24 -18.63 -0.15
C ALA B 273 26.18 -18.53 1.35
N GLN B 274 24.99 -18.56 1.95
CA GLN B 274 24.84 -18.35 3.38
C GLN B 274 24.59 -19.65 4.13
N GLY B 275 24.50 -20.77 3.43
CA GLY B 275 24.30 -22.02 4.14
C GLY B 275 23.08 -22.02 5.02
N VAL B 276 21.97 -21.48 4.52
CA VAL B 276 20.69 -21.48 5.20
C VAL B 276 19.82 -22.59 4.61
N LYS B 277 19.11 -23.35 5.46
CA LYS B 277 18.29 -24.46 4.98
C LYS B 277 16.87 -23.97 4.74
N PRO B 278 16.45 -23.78 3.50
CA PRO B 278 15.23 -23.00 3.26
C PRO B 278 13.98 -23.83 3.39
N LEU B 279 12.87 -23.12 3.60
CA LEU B 279 11.57 -23.77 3.63
C LEU B 279 11.11 -24.17 2.23
N ALA B 280 11.12 -23.23 1.28
CA ALA B 280 10.51 -23.49 -0.02
C ALA B 280 11.05 -22.52 -1.05
N ARG B 281 10.63 -22.71 -2.29
CA ARG B 281 10.92 -21.77 -3.36
C ARG B 281 9.60 -21.28 -3.95
N LEU B 282 9.63 -20.03 -4.45
CA LEU B 282 8.48 -19.46 -5.16
C LEU B 282 8.44 -19.97 -6.60
N VAL B 283 7.32 -20.61 -6.96
CA VAL B 283 7.15 -21.14 -8.31
C VAL B 283 6.41 -20.15 -9.20
N ALA B 284 5.32 -19.57 -8.73
CA ALA B 284 4.56 -18.63 -9.55
C ALA B 284 3.53 -17.93 -8.68
N TYR B 285 2.95 -16.87 -9.24
CA TYR B 285 1.83 -16.14 -8.64
C TYR B 285 0.93 -15.59 -9.74
N ALA B 286 -0.30 -15.26 -9.38
CA ALA B 286 -1.18 -14.56 -10.30
C ALA B 286 -2.23 -13.77 -9.53
N HIS B 287 -2.81 -12.80 -10.23
CA HIS B 287 -3.89 -11.96 -9.74
C HIS B 287 -5.09 -12.03 -10.68
N ALA B 288 -6.28 -11.77 -10.12
CA ALA B 288 -7.50 -11.74 -10.90
C ALA B 288 -8.46 -10.68 -10.34
N GLY B 289 -9.25 -10.13 -11.24
CA GLY B 289 -10.37 -9.29 -10.87
C GLY B 289 -11.66 -10.00 -11.29
N VAL B 290 -12.70 -9.87 -10.47
CA VAL B 290 -14.03 -10.44 -10.71
C VAL B 290 -15.07 -9.38 -10.37
N ASP B 291 -16.34 -9.69 -10.66
CA ASP B 291 -17.47 -8.90 -10.22
C ASP B 291 -17.38 -8.65 -8.71
N PRO B 292 -17.40 -7.38 -8.25
CA PRO B 292 -17.37 -7.14 -6.80
C PRO B 292 -18.51 -7.81 -6.04
N ALA B 293 -19.69 -7.94 -6.66
CA ALA B 293 -20.79 -8.61 -5.98
C ALA B 293 -20.52 -10.09 -5.75
N TYR B 294 -19.49 -10.64 -6.40
CA TYR B 294 -19.15 -12.06 -6.26
C TYR B 294 -17.68 -12.23 -5.90
N MET B 295 -17.14 -11.26 -5.15
CA MET B 295 -15.72 -11.25 -4.85
C MET B 295 -15.23 -12.59 -4.33
N GLY B 296 -16.09 -13.36 -3.63
CA GLY B 296 -15.59 -14.55 -2.96
C GLY B 296 -15.08 -15.63 -3.90
N ILE B 297 -15.43 -15.54 -5.19
CA ILE B 297 -14.97 -16.49 -6.20
C ILE B 297 -13.63 -16.07 -6.81
N GLY B 298 -13.10 -14.90 -6.43
CA GLY B 298 -11.81 -14.48 -6.92
C GLY B 298 -10.71 -15.51 -7.00
N PRO B 299 -10.61 -16.44 -6.02
CA PRO B 299 -9.51 -17.42 -6.05
C PRO B 299 -9.51 -18.34 -7.25
N VAL B 300 -10.64 -18.58 -7.87
CA VAL B 300 -10.70 -19.57 -8.93
C VAL B 300 -9.90 -19.11 -10.14
N PRO B 301 -10.16 -17.93 -10.72
CA PRO B 301 -9.33 -17.52 -11.86
C PRO B 301 -7.90 -17.24 -11.45
N ALA B 302 -7.65 -16.78 -10.22
CA ALA B 302 -6.27 -16.52 -9.85
C ALA B 302 -5.49 -17.82 -9.86
N THR B 303 -6.07 -18.86 -9.24
CA THR B 303 -5.42 -20.16 -9.14
C THR B 303 -5.18 -20.77 -10.51
N GLN B 304 -6.18 -20.68 -11.40
CA GLN B 304 -6.01 -21.19 -12.75
C GLN B 304 -4.85 -20.52 -13.49
N LYS B 305 -4.76 -19.19 -13.39
CA LYS B 305 -3.66 -18.46 -14.05
C LYS B 305 -2.29 -18.82 -13.45
N ALA B 306 -2.23 -18.97 -12.13
CA ALA B 306 -0.97 -19.34 -11.47
C ALA B 306 -0.54 -20.75 -11.85
N LEU B 307 -1.50 -21.69 -11.96
CA LEU B 307 -1.13 -23.05 -12.34
C LEU B 307 -0.61 -23.09 -13.77
N GLU B 308 -1.20 -22.26 -14.64
CA GLU B 308 -0.72 -22.09 -16.01
C GLU B 308 0.74 -21.61 -16.03
N ARG B 309 1.05 -20.55 -15.27
CA ARG B 309 2.40 -20.01 -15.29
C ARG B 309 3.40 -21.01 -14.70
N ALA B 310 2.98 -21.79 -13.72
CA ALA B 310 3.81 -22.80 -13.09
C ALA B 310 3.89 -24.10 -13.87
N GLY B 311 3.10 -24.27 -14.91
CA GLY B 311 3.14 -25.53 -15.64
C GLY B 311 2.58 -26.70 -14.88
N LEU B 312 1.70 -26.44 -13.92
CA LEU B 312 1.14 -27.50 -13.08
C LEU B 312 -0.36 -27.64 -13.32
N LYS B 313 -0.93 -28.70 -12.75
CA LYS B 313 -2.38 -28.87 -12.68
C LYS B 313 -2.78 -29.03 -11.22
N ILE B 314 -4.09 -29.00 -10.99
CA ILE B 314 -4.66 -29.14 -9.65
C ILE B 314 -4.18 -30.39 -8.95
N THR B 315 -3.96 -31.48 -9.68
CA THR B 315 -3.60 -32.72 -8.98
C THR B 315 -2.15 -32.74 -8.47
N ASP B 316 -1.30 -31.80 -8.89
CA ASP B 316 0.07 -31.68 -8.40
C ASP B 316 0.17 -30.95 -7.07
N LEU B 317 -0.92 -30.37 -6.59
CA LEU B 317 -0.94 -29.61 -5.34
C LEU B 317 -1.12 -30.56 -4.17
N ASP B 318 -0.13 -30.62 -3.28
CA ASP B 318 -0.21 -31.45 -2.08
C ASP B 318 -0.78 -30.69 -0.89
N VAL B 319 -0.71 -29.38 -0.90
CA VAL B 319 -1.24 -28.55 0.17
C VAL B 319 -1.91 -27.35 -0.45
N ILE B 320 -3.10 -27.03 0.04
CA ILE B 320 -3.82 -25.85 -0.41
C ILE B 320 -4.29 -25.09 0.82
N GLU B 321 -3.87 -23.81 0.92
CA GLU B 321 -4.38 -22.86 1.90
C GLU B 321 -5.21 -21.86 1.11
N ALA B 322 -6.50 -22.04 1.12
CA ALA B 322 -7.47 -21.20 0.42
C ALA B 322 -8.32 -20.59 1.51
N ASN B 323 -8.12 -19.30 1.80
CA ASN B 323 -8.71 -18.76 3.02
C ASN B 323 -10.22 -18.95 3.03
N GLU B 324 -10.76 -19.25 4.21
CA GLU B 324 -12.20 -19.39 4.43
C GLU B 324 -12.71 -18.03 4.92
N ALA B 325 -12.97 -17.12 3.97
CA ALA B 325 -13.64 -15.87 4.32
C ALA B 325 -15.06 -16.15 4.77
N PHE B 326 -15.83 -16.92 3.95
CA PHE B 326 -17.16 -17.39 4.28
C PHE B 326 -17.25 -18.82 3.78
N ALA B 327 -17.82 -19.73 4.57
CA ALA B 327 -18.08 -21.07 4.05
C ALA B 327 -18.77 -21.02 2.69
N ALA B 328 -19.67 -20.05 2.50
CA ALA B 328 -20.42 -19.93 1.25
C ALA B 328 -19.49 -19.71 0.05
N GLN B 329 -18.38 -18.97 0.23
CA GLN B 329 -17.38 -18.75 -0.83
C GLN B 329 -16.38 -19.89 -0.94
N ALA B 330 -15.86 -20.39 0.18
CA ALA B 330 -14.81 -21.41 0.10
C ALA B 330 -15.31 -22.73 -0.47
N CYS B 331 -16.54 -23.13 -0.12
CA CYS B 331 -17.13 -24.31 -0.76
C CYS B 331 -17.17 -24.13 -2.27
N ALA B 332 -17.46 -22.92 -2.74
CA ALA B 332 -17.61 -22.70 -4.18
C ALA B 332 -16.25 -22.71 -4.86
N VAL B 333 -15.24 -22.17 -4.17
CA VAL B 333 -13.88 -22.21 -4.72
C VAL B 333 -13.42 -23.65 -4.92
N THR B 334 -13.55 -24.49 -3.87
CA THR B 334 -13.22 -25.91 -3.98
C THR B 334 -14.01 -26.57 -5.09
N GLN B 335 -15.31 -26.28 -5.16
CA GLN B 335 -16.18 -26.94 -6.14
C GLN B 335 -15.76 -26.56 -7.57
N GLU B 336 -15.58 -25.26 -7.84
CA GLU B 336 -15.26 -24.82 -9.20
C GLU B 336 -13.86 -25.26 -9.64
N LEU B 337 -12.88 -25.28 -8.73
CA LEU B 337 -11.55 -25.74 -9.10
C LEU B 337 -11.40 -27.26 -9.11
N GLY B 338 -12.39 -28.01 -8.64
CA GLY B 338 -12.23 -29.45 -8.54
C GLY B 338 -11.20 -29.93 -7.53
N LEU B 339 -11.11 -29.28 -6.38
CA LEU B 339 -10.08 -29.59 -5.40
C LEU B 339 -10.52 -30.71 -4.45
N ASP B 340 -9.52 -31.39 -3.87
CA ASP B 340 -9.78 -32.45 -2.89
C ASP B 340 -9.93 -31.80 -1.51
N PRO B 341 -11.13 -31.77 -0.93
CA PRO B 341 -11.28 -31.15 0.40
C PRO B 341 -10.30 -31.67 1.44
N ALA B 342 -9.79 -32.89 1.27
CA ALA B 342 -8.81 -33.40 2.21
C ALA B 342 -7.52 -32.58 2.18
N LYS B 343 -7.13 -32.06 1.01
CA LYS B 343 -5.91 -31.27 0.90
C LYS B 343 -6.11 -29.78 1.08
N VAL B 344 -7.35 -29.32 1.20
CA VAL B 344 -7.68 -27.89 1.30
C VAL B 344 -7.86 -27.56 2.78
N ASN B 345 -7.07 -26.62 3.28
CA ASN B 345 -7.07 -26.22 4.68
C ASN B 345 -7.08 -27.44 5.60
N PRO B 346 -6.03 -28.28 5.57
CA PRO B 346 -6.03 -29.51 6.37
C PRO B 346 -6.06 -29.25 7.87
N ASN B 347 -5.71 -28.04 8.32
CA ASN B 347 -5.68 -27.66 9.73
C ASN B 347 -6.59 -26.47 10.03
N GLY B 348 -7.69 -26.36 9.31
CA GLY B 348 -8.61 -25.26 9.48
C GLY B 348 -8.12 -24.06 8.71
N SER B 349 -8.93 -22.99 8.79
CA SER B 349 -8.64 -21.72 8.14
C SER B 349 -9.53 -20.64 8.77
N GLY B 350 -9.91 -19.63 7.99
CA GLY B 350 -10.51 -18.44 8.58
C GLY B 350 -11.69 -18.67 9.50
N ILE B 351 -12.51 -19.69 9.23
CA ILE B 351 -13.72 -19.87 10.03
C ILE B 351 -13.35 -20.27 11.45
N SER B 352 -12.38 -21.16 11.59
CA SER B 352 -11.95 -21.67 12.88
C SER B 352 -10.81 -20.86 13.46
N LEU B 353 -9.82 -20.53 12.63
CA LEU B 353 -8.62 -19.86 13.11
C LEU B 353 -8.74 -18.36 13.18
N GLY B 354 -9.57 -17.75 12.34
CA GLY B 354 -9.69 -16.31 12.28
C GLY B 354 -9.18 -15.74 10.96
N HIS B 355 -9.53 -14.46 10.77
CA HIS B 355 -9.25 -13.70 9.54
C HIS B 355 -8.75 -12.31 9.93
N PRO B 356 -7.49 -12.19 10.37
CA PRO B 356 -6.85 -10.87 10.64
C PRO B 356 -6.39 -10.19 9.35
N ILE B 357 -7.32 -9.51 8.68
CA ILE B 357 -7.26 -9.40 7.23
C ILE B 357 -5.89 -9.09 6.59
N GLY B 358 -5.26 -7.95 6.89
CA GLY B 358 -4.00 -7.61 6.20
C GLY B 358 -2.89 -8.64 6.46
N ALA B 359 -2.99 -9.38 7.56
CA ALA B 359 -1.97 -10.39 7.83
C ALA B 359 -2.31 -11.76 7.26
N THR B 360 -3.58 -12.06 6.95
CA THR B 360 -3.99 -13.44 6.68
C THR B 360 -3.15 -14.08 5.58
N GLY B 361 -2.98 -13.36 4.46
CA GLY B 361 -2.28 -13.93 3.32
C GLY B 361 -0.85 -14.33 3.64
N ALA B 362 -0.18 -13.58 4.50
CA ALA B 362 1.16 -13.94 4.93
C ALA B 362 1.09 -15.12 5.89
N LEU B 363 0.15 -15.05 6.82
CA LEU B 363 -0.04 -16.09 7.82
C LEU B 363 -0.37 -17.44 7.19
N ILE B 364 -1.29 -17.46 6.22
CA ILE B 364 -1.61 -18.77 5.66
C ILE B 364 -0.50 -19.25 4.72
N THR B 365 0.33 -18.35 4.17
CA THR B 365 1.54 -18.78 3.48
C THR B 365 2.45 -19.54 4.45
N VAL B 366 2.58 -19.03 5.68
CA VAL B 366 3.40 -19.69 6.70
C VAL B 366 2.88 -21.10 6.95
N LYS B 367 1.60 -21.22 7.29
CA LYS B 367 0.96 -22.53 7.45
C LYS B 367 1.28 -23.47 6.30
N ALA B 368 1.04 -23.00 5.06
CA ALA B 368 1.20 -23.88 3.91
C ALA B 368 2.62 -24.41 3.82
N LEU B 369 3.61 -23.57 4.11
CA LEU B 369 4.99 -24.04 3.99
C LEU B 369 5.33 -25.07 5.06
N TYR B 370 4.82 -24.87 6.28
CA TYR B 370 5.09 -25.77 7.39
C TYR B 370 4.32 -27.08 7.23
N GLU B 371 3.15 -27.02 6.59
CA GLU B 371 2.46 -28.28 6.31
C GLU B 371 3.22 -29.10 5.27
N LEU B 372 3.81 -28.43 4.27
CA LEU B 372 4.61 -29.14 3.28
C LEU B 372 5.73 -29.94 3.94
N LYS B 373 6.38 -29.35 4.95
CA LYS B 373 7.45 -30.02 5.69
C LYS B 373 6.89 -31.15 6.55
N ARG B 374 5.70 -30.94 7.11
CA ARG B 374 5.11 -31.96 7.96
C ARG B 374 4.81 -33.24 7.18
N ILE B 375 4.32 -33.12 5.95
CA ILE B 375 3.89 -34.29 5.20
C ILE B 375 4.86 -34.69 4.10
N GLY B 376 5.96 -33.95 3.94
CA GLY B 376 6.88 -34.25 2.86
C GLY B 376 6.35 -33.92 1.48
N GLY B 377 5.40 -32.99 1.38
CA GLY B 377 4.85 -32.65 0.09
C GLY B 377 5.76 -31.75 -0.71
N ARG B 378 5.39 -31.56 -1.99
CA ARG B 378 6.15 -30.77 -2.94
C ARG B 378 5.54 -29.41 -3.23
N TYR B 379 4.32 -29.36 -3.71
CA TYR B 379 3.72 -28.11 -4.16
C TYR B 379 2.61 -27.69 -3.20
N ALA B 380 2.57 -26.39 -2.88
CA ALA B 380 1.50 -25.83 -2.06
C ALA B 380 0.91 -24.63 -2.76
N LEU B 381 -0.43 -24.54 -2.75
CA LEU B 381 -1.14 -23.37 -3.27
C LEU B 381 -1.64 -22.52 -2.11
N VAL B 382 -1.44 -21.21 -2.23
CA VAL B 382 -1.99 -20.21 -1.32
C VAL B 382 -2.87 -19.28 -2.12
N THR B 383 -4.14 -19.18 -1.77
CA THR B 383 -5.02 -18.28 -2.49
C THR B 383 -6.06 -17.72 -1.53
N MET B 384 -6.65 -16.58 -1.91
CA MET B 384 -7.72 -16.01 -1.12
C MET B 384 -8.55 -15.08 -1.98
N CYS B 385 -9.79 -14.86 -1.55
CA CYS B 385 -10.67 -13.88 -2.15
C CYS B 385 -10.37 -12.50 -1.57
N ILE B 386 -10.83 -11.46 -2.25
CA ILE B 386 -10.43 -10.09 -1.95
C ILE B 386 -11.64 -9.18 -2.12
N GLY B 387 -12.00 -8.47 -1.05
CA GLY B 387 -13.12 -7.55 -1.14
C GLY B 387 -12.90 -6.48 -2.19
N GLY B 388 -13.98 -6.12 -2.87
CA GLY B 388 -13.90 -5.29 -4.05
C GLY B 388 -13.82 -6.09 -5.33
N GLY B 389 -13.56 -7.40 -5.22
CA GLY B 389 -13.63 -8.23 -6.39
C GLY B 389 -12.28 -8.56 -7.00
N GLN B 390 -11.43 -9.24 -6.21
CA GLN B 390 -10.20 -9.81 -6.74
C GLN B 390 -9.89 -11.14 -6.07
N GLY B 391 -8.88 -11.80 -6.64
CA GLY B 391 -8.24 -12.94 -6.02
C GLY B 391 -6.75 -12.87 -6.26
N ILE B 392 -6.00 -13.57 -5.41
CA ILE B 392 -4.55 -13.65 -5.51
C ILE B 392 -4.15 -15.08 -5.19
N ALA B 393 -3.13 -15.59 -5.87
CA ALA B 393 -2.72 -16.97 -5.66
C ALA B 393 -1.21 -17.07 -5.86
N ALA B 394 -0.59 -17.96 -5.08
CA ALA B 394 0.84 -18.19 -5.22
C ALA B 394 1.08 -19.67 -4.99
N ILE B 395 2.11 -20.19 -5.67
CA ILE B 395 2.46 -21.61 -5.59
C ILE B 395 3.91 -21.70 -5.14
N PHE B 396 4.16 -22.58 -4.16
CA PHE B 396 5.49 -22.78 -3.57
C PHE B 396 5.88 -24.24 -3.74
N GLU B 397 7.19 -24.49 -3.80
CA GLU B 397 7.74 -25.83 -3.91
C GLU B 397 8.61 -26.08 -2.67
N ASN B 398 8.28 -27.12 -1.93
CA ASN B 398 9.13 -27.54 -0.82
C ASN B 398 10.52 -27.92 -1.32
N ILE B 399 11.52 -27.69 -0.48
CA ILE B 399 12.89 -28.12 -0.78
C ILE B 399 13.69 -28.56 0.46
#